data_2X7H
#
_entry.id   2X7H
#
_cell.length_a   46.600
_cell.length_b   52.050
_cell.length_c   75.730
_cell.angle_alpha   94.28
_cell.angle_beta   91.29
_cell.angle_gamma   102.18
#
_symmetry.space_group_name_H-M   'P 1'
#
loop_
_entity.id
_entity.type
_entity.pdbx_description
1 polymer 'ZINC-BINDING ALCOHOL DEHYDROGENASE DOMAIN-CONTAINING PROTEIN 2'
2 non-polymer FENOPROFEN
3 non-polymer 'NADP NICOTINAMIDE-ADENINE-DINUCLEOTIDE PHOSPHATE'
4 non-polymer 1,2-ETHANEDIOL
5 water water
#
_entity_poly.entity_id   1
_entity_poly.type   'polypeptide(L)'
_entity_poly.pdbx_seq_one_letter_code
;MHHHHHHSSGVDLGTENLYFQSMQGSAIPQAMQKLVVTRLSPNFREAVTLSRDCPVPLPGDGDLLVRNRFVGVNASDINY
SAGRYDPSVKPPFDIGFEGIGEVVALGLSASARYTVGQAVAYMAPGSFAEYTVVPASIATPVPSVKPEYLTLLVSGTTAY
ISLKELGGLSEGKKVLVTAAAGGTGQFAMQLSKKAKCHVIGTCSSDEKSAFLKSLGCDRPINYKTEPVGTVLKQEYPEGV
DVVYESVGGAMFDLAVDALATKGRLIVIGFISGYQTPTGLSPVKAGTLPAKLLKKSASVQGFFLNHYLSKYQAAMSHLLE
MCVSGDLVCEVDLGDLSPEGRFTGLESIFRAVNYMYMGKNTGKIVVELPH
;
_entity_poly.pdbx_strand_id   A,B
#
# COMPACT_ATOMS: atom_id res chain seq x y z
N ILE A 28 9.62 40.61 2.31
CA ILE A 28 9.42 40.76 3.75
C ILE A 28 8.84 42.09 4.26
N PRO A 29 7.55 42.33 3.99
CA PRO A 29 6.89 43.57 4.41
C PRO A 29 6.76 43.72 5.92
N GLN A 30 6.53 44.95 6.36
CA GLN A 30 6.34 45.24 7.79
C GLN A 30 4.99 44.70 8.27
N ALA A 31 3.95 44.92 7.46
CA ALA A 31 2.58 44.56 7.83
C ALA A 31 1.90 43.64 6.81
N MET A 32 0.85 42.97 7.26
CA MET A 32 0.06 42.10 6.39
C MET A 32 -1.40 42.05 6.79
N GLN A 33 -2.17 41.37 5.95
CA GLN A 33 -3.56 41.06 6.24
C GLN A 33 -3.69 39.59 6.66
N LYS A 34 -4.65 39.33 7.55
CA LYS A 34 -5.03 37.98 7.91
C LYS A 34 -6.45 37.94 8.42
N LEU A 35 -7.07 36.77 8.35
CA LEU A 35 -8.37 36.56 8.94
C LEU A 35 -8.20 36.17 10.42
N VAL A 36 -9.09 36.68 11.25
CA VAL A 36 -9.08 36.40 12.67
C VAL A 36 -10.48 36.08 13.15
N VAL A 37 -10.62 35.00 13.90
CA VAL A 37 -11.89 34.74 14.58
C VAL A 37 -12.02 35.69 15.75
N THR A 38 -13.00 36.61 15.67
CA THR A 38 -13.22 37.61 16.71
C THR A 38 -14.45 37.32 17.57
N ARG A 39 -15.34 36.45 17.08
CA ARG A 39 -16.51 35.99 17.83
C ARG A 39 -16.79 34.52 17.50
N LEU A 40 -17.13 33.73 18.51
CA LEU A 40 -17.44 32.31 18.25
C LEU A 40 -18.82 32.15 17.62
N SER A 41 -18.83 31.61 16.40
CA SER A 41 -20.06 31.33 15.66
C SER A 41 -19.77 30.45 14.44
N PRO A 42 -20.72 29.54 14.10
CA PRO A 42 -20.60 28.84 12.82
C PRO A 42 -20.95 29.69 11.61
N ASN A 43 -21.48 30.89 11.83
CA ASN A 43 -21.67 31.85 10.76
C ASN A 43 -20.34 32.54 10.51
N PHE A 44 -19.67 32.10 9.45
CA PHE A 44 -18.30 32.48 9.16
C PHE A 44 -18.16 34.00 9.03
N ARG A 45 -19.06 34.63 8.29
CA ARG A 45 -19.04 36.08 8.13
C ARG A 45 -19.19 36.84 9.47
N GLU A 46 -20.05 36.33 10.36
CA GLU A 46 -20.22 36.98 11.66
C GLU A 46 -19.10 36.67 12.67
N ALA A 47 -18.36 35.58 12.46
CA ALA A 47 -17.30 35.13 13.38
C ALA A 47 -15.94 35.73 13.09
N VAL A 48 -15.68 35.95 11.80
CA VAL A 48 -14.32 36.17 11.29
C VAL A 48 -14.19 37.58 10.72
N THR A 49 -13.08 38.24 11.08
CA THR A 49 -12.77 39.59 10.63
C THR A 49 -11.50 39.59 9.81
N LEU A 50 -11.51 40.40 8.75
CA LEU A 50 -10.28 40.66 7.99
C LEU A 50 -9.54 41.77 8.71
N SER A 51 -8.41 41.40 9.30
CA SER A 51 -7.55 42.32 10.03
C SER A 51 -6.44 42.84 9.11
N ARG A 52 -6.30 44.15 9.04
CA ARG A 52 -5.50 44.82 7.99
C ARG A 52 -4.10 45.31 8.31
N ASP A 53 -3.74 45.47 9.58
CA ASP A 53 -2.43 46.06 9.87
C ASP A 53 -1.63 45.20 10.82
N CYS A 54 -1.56 43.92 10.50
CA CYS A 54 -0.97 42.93 11.37
C CYS A 54 0.52 42.86 11.11
N PRO A 55 1.33 42.78 12.19
CA PRO A 55 2.75 42.54 11.95
C PRO A 55 2.97 41.18 11.31
N VAL A 56 3.98 41.08 10.46
CA VAL A 56 4.37 39.80 9.88
C VAL A 56 5.13 39.03 10.95
N PRO A 57 4.66 37.82 11.29
CA PRO A 57 5.34 37.08 12.36
C PRO A 57 6.70 36.55 11.88
N LEU A 58 7.65 36.43 12.80
CA LEU A 58 8.98 35.95 12.46
C LEU A 58 9.13 34.48 12.87
N PRO A 59 9.88 33.71 12.07
CA PRO A 59 10.03 32.29 12.37
C PRO A 59 11.05 32.05 13.48
N GLY A 60 10.78 31.06 14.32
CA GLY A 60 11.74 30.60 15.31
C GLY A 60 12.79 29.73 14.66
N ASP A 61 13.65 29.14 15.48
CA ASP A 61 14.81 28.39 14.99
C ASP A 61 14.38 27.21 14.12
N GLY A 62 13.29 26.55 14.51
CA GLY A 62 12.79 25.39 13.78
C GLY A 62 11.66 25.67 12.80
N ASP A 63 11.43 26.94 12.48
CA ASP A 63 10.26 27.34 11.70
C ASP A 63 10.59 27.86 10.31
N LEU A 64 9.59 27.74 9.45
CA LEU A 64 9.55 28.40 8.15
C LEU A 64 8.56 29.55 8.22
N LEU A 65 8.85 30.63 7.51
CA LEU A 65 7.83 31.65 7.23
C LEU A 65 7.40 31.46 5.79
N VAL A 66 6.14 31.11 5.59
CA VAL A 66 5.62 30.80 4.27
C VAL A 66 4.76 31.97 3.77
N ARG A 67 5.09 32.48 2.59
CA ARG A 67 4.20 33.39 1.90
C ARG A 67 3.14 32.54 1.16
N ASN A 68 1.90 32.61 1.63
CA ASN A 68 0.83 31.78 1.07
C ASN A 68 0.41 32.29 -0.30
N ARG A 69 0.38 31.36 -1.25
CA ARG A 69 -0.10 31.65 -2.60
C ARG A 69 -1.49 31.07 -2.83
N PHE A 70 -1.74 29.87 -2.32
CA PHE A 70 -3.08 29.29 -2.33
C PHE A 70 -3.37 28.77 -0.93
N VAL A 71 -4.63 28.93 -0.52
CA VAL A 71 -5.10 28.40 0.75
C VAL A 71 -6.37 27.60 0.53
N GLY A 72 -6.57 26.57 1.35
CA GLY A 72 -7.71 25.69 1.20
C GLY A 72 -8.89 26.13 2.05
N VAL A 73 -10.08 26.08 1.47
CA VAL A 73 -11.34 26.30 2.19
C VAL A 73 -11.88 24.90 2.51
N ASN A 74 -12.22 24.69 3.77
CA ASN A 74 -12.64 23.39 4.29
C ASN A 74 -13.97 23.54 4.98
N ALA A 75 -14.82 22.51 4.87
CA ALA A 75 -16.12 22.57 5.53
C ALA A 75 -15.99 22.96 7.00
N SER A 76 -15.03 22.35 7.67
CA SER A 76 -14.85 22.56 9.11
C SER A 76 -14.22 23.90 9.48
N ASP A 77 -13.92 24.75 8.51
CA ASP A 77 -13.55 26.11 8.84
C ASP A 77 -14.63 26.75 9.74
N ILE A 78 -15.91 26.42 9.53
CA ILE A 78 -16.98 27.01 10.37
C ILE A 78 -17.16 26.31 11.72
N ASN A 79 -16.73 25.05 11.82
CA ASN A 79 -16.63 24.40 13.12
C ASN A 79 -15.51 25.04 13.93
N TYR A 80 -14.44 25.44 13.24
CA TYR A 80 -13.31 26.09 13.89
C TYR A 80 -13.69 27.48 14.40
N SER A 81 -14.35 28.27 13.54
CA SER A 81 -14.81 29.59 13.92
C SER A 81 -15.86 29.54 15.03
N ALA A 82 -16.60 28.43 15.10
CA ALA A 82 -17.59 28.20 16.16
C ALA A 82 -16.97 27.79 17.51
N GLY A 83 -15.66 27.53 17.51
CA GLY A 83 -14.94 27.16 18.73
C GLY A 83 -15.02 25.69 19.10
N ARG A 84 -15.42 24.83 18.15
CA ARG A 84 -15.80 23.45 18.47
C ARG A 84 -14.62 22.52 18.67
N TYR A 85 -13.43 22.95 18.26
CA TYR A 85 -12.24 22.11 18.46
C TYR A 85 -11.68 22.25 19.88
N ASP A 86 -11.92 23.39 20.51
CA ASP A 86 -11.53 23.64 21.90
C ASP A 86 -12.42 24.76 22.45
N PRO A 87 -13.61 24.42 22.97
CA PRO A 87 -14.57 25.43 23.48
C PRO A 87 -14.08 26.29 24.65
N SER A 88 -12.91 25.95 25.22
CA SER A 88 -12.30 26.77 26.26
C SER A 88 -11.48 27.94 25.71
N VAL A 89 -11.14 27.88 24.42
CA VAL A 89 -10.27 28.89 23.80
C VAL A 89 -11.11 30.07 23.30
N LYS A 90 -10.80 31.26 23.81
CA LYS A 90 -11.55 32.47 23.48
C LYS A 90 -10.93 33.14 22.24
N PRO A 91 -11.75 33.89 21.48
CA PRO A 91 -11.19 34.76 20.44
C PRO A 91 -10.33 35.84 21.09
N PRO A 92 -9.39 36.43 20.33
CA PRO A 92 -9.10 36.17 18.93
C PRO A 92 -8.18 35.00 18.69
N PHE A 93 -8.39 34.30 17.57
CA PHE A 93 -7.41 33.32 17.10
C PHE A 93 -7.38 33.24 15.59
N ASP A 94 -6.27 32.73 15.06
CA ASP A 94 -6.08 32.59 13.63
C ASP A 94 -6.90 31.41 13.11
N ILE A 95 -6.99 31.33 11.79
CA ILE A 95 -7.87 30.37 11.14
C ILE A 95 -7.31 29.99 9.76
N GLY A 96 -7.79 28.87 9.23
CA GLY A 96 -7.32 28.30 7.97
C GLY A 96 -6.39 27.15 8.26
N PHE A 97 -6.68 26.00 7.66
CA PHE A 97 -6.00 24.74 8.01
C PHE A 97 -4.83 24.36 7.12
N GLU A 98 -4.68 25.03 5.97
CA GLU A 98 -3.73 24.54 4.94
C GLU A 98 -3.36 25.62 3.94
N GLY A 99 -2.12 25.54 3.47
CA GLY A 99 -1.57 26.51 2.54
C GLY A 99 -0.47 25.90 1.69
N ILE A 100 -0.16 26.59 0.61
CA ILE A 100 0.99 26.27 -0.23
C ILE A 100 1.57 27.60 -0.71
N GLY A 101 2.90 27.69 -0.73
CA GLY A 101 3.56 28.91 -1.13
C GLY A 101 5.07 28.80 -1.04
N GLU A 102 5.73 29.95 -0.93
CA GLU A 102 7.18 29.98 -0.94
C GLU A 102 7.74 30.29 0.44
N VAL A 103 8.83 29.63 0.81
CA VAL A 103 9.57 29.97 2.03
C VAL A 103 10.24 31.32 1.80
N VAL A 104 9.89 32.32 2.61
CA VAL A 104 10.48 33.66 2.47
C VAL A 104 11.49 33.99 3.58
N ALA A 105 11.41 33.23 4.67
CA ALA A 105 12.39 33.32 5.77
C ALA A 105 12.31 32.03 6.57
N LEU A 106 13.37 31.71 7.30
CA LEU A 106 13.38 30.49 8.13
C LEU A 106 14.47 30.54 9.18
N GLY A 107 14.28 29.78 10.25
CA GLY A 107 15.27 29.71 11.32
C GLY A 107 16.47 28.90 10.90
N LEU A 108 17.56 29.04 11.66
CA LEU A 108 18.82 28.38 11.31
C LEU A 108 18.71 26.84 11.25
N SER A 109 18.10 26.23 12.26
CA SER A 109 17.95 24.78 12.26
C SER A 109 17.09 24.32 11.07
N ALA A 110 16.03 25.07 10.79
CA ALA A 110 15.10 24.75 9.68
C ALA A 110 15.84 24.77 8.33
N SER A 111 16.85 25.64 8.25
CA SER A 111 17.63 25.82 7.03
C SER A 111 18.49 24.61 6.65
N ALA A 112 18.63 23.65 7.56
CA ALA A 112 19.33 22.40 7.24
C ALA A 112 18.55 21.57 6.20
N ARG A 113 17.23 21.68 6.21
CA ARG A 113 16.38 20.92 5.27
C ARG A 113 15.66 21.78 4.22
N TYR A 114 15.42 23.06 4.53
CA TYR A 114 14.71 23.97 3.62
C TYR A 114 15.54 25.18 3.23
N THR A 115 15.13 25.85 2.16
CA THR A 115 15.85 27.01 1.65
CA THR A 115 15.86 27.02 1.67
C THR A 115 14.89 28.12 1.23
N VAL A 116 15.30 29.38 1.41
CA VAL A 116 14.51 30.50 0.99
C VAL A 116 14.20 30.36 -0.50
N GLY A 117 12.92 30.52 -0.85
CA GLY A 117 12.45 30.41 -2.22
C GLY A 117 11.80 29.06 -2.55
N GLN A 118 11.94 28.10 -1.64
CA GLN A 118 11.47 26.74 -1.88
C GLN A 118 9.95 26.68 -1.81
N ALA A 119 9.35 25.84 -2.67
CA ALA A 119 7.91 25.59 -2.64
C ALA A 119 7.60 24.59 -1.54
N VAL A 120 6.67 24.94 -0.64
CA VAL A 120 6.27 24.06 0.45
C VAL A 120 4.75 24.15 0.63
N ALA A 121 4.20 23.06 1.15
CA ALA A 121 2.80 22.98 1.47
C ALA A 121 2.71 22.52 2.91
N TYR A 122 1.60 22.80 3.57
CA TYR A 122 1.46 22.44 4.98
C TYR A 122 -0.02 22.36 5.37
N MET A 123 -0.25 21.53 6.37
CA MET A 123 -1.50 21.48 7.10
C MET A 123 -1.16 21.96 8.51
N ALA A 124 -1.55 23.18 8.83
CA ALA A 124 -1.32 23.76 10.14
C ALA A 124 -2.24 24.97 10.31
N PRO A 125 -2.55 25.33 11.57
CA PRO A 125 -3.52 26.41 11.76
C PRO A 125 -2.93 27.78 11.41
N GLY A 126 -3.79 28.66 10.91
CA GLY A 126 -3.43 30.02 10.60
C GLY A 126 -3.01 30.25 9.17
N SER A 127 -3.49 29.41 8.25
CA SER A 127 -3.17 29.63 6.83
C SER A 127 -3.89 30.81 6.19
N PHE A 128 -4.99 31.30 6.78
CA PHE A 128 -5.70 32.43 6.20
C PHE A 128 -5.00 33.74 6.60
N ALA A 129 -3.85 33.95 5.98
CA ALA A 129 -2.96 35.07 6.26
C ALA A 129 -2.06 35.22 5.05
N GLU A 130 -1.51 36.41 4.84
CA GLU A 130 -0.55 36.55 3.74
C GLU A 130 0.73 35.76 4.01
N TYR A 131 1.11 35.69 5.30
CA TYR A 131 2.29 34.94 5.76
C TYR A 131 1.94 34.17 7.02
N THR A 132 2.46 32.93 7.08
CA THR A 132 2.17 32.00 8.16
C THR A 132 3.45 31.33 8.61
N VAL A 133 3.65 31.26 9.94
CA VAL A 133 4.78 30.53 10.52
C VAL A 133 4.40 29.05 10.66
N VAL A 134 5.22 28.19 10.09
CA VAL A 134 4.99 26.73 10.03
C VAL A 134 6.24 25.97 10.50
N PRO A 135 6.10 25.07 11.52
CA PRO A 135 7.29 24.32 11.89
C PRO A 135 7.81 23.50 10.70
N ALA A 136 9.12 23.53 10.47
CA ALA A 136 9.71 22.83 9.34
C ALA A 136 9.42 21.34 9.38
N SER A 137 9.29 20.79 10.59
CA SER A 137 9.05 19.36 10.81
C SER A 137 7.72 18.85 10.22
N ILE A 138 6.74 19.75 10.08
CA ILE A 138 5.43 19.33 9.52
C ILE A 138 5.19 19.80 8.08
N ALA A 139 6.09 20.61 7.54
CA ALA A 139 5.97 21.07 6.15
C ALA A 139 6.20 19.90 5.19
N THR A 140 5.55 19.98 4.03
CA THR A 140 5.72 18.98 2.96
C THR A 140 6.39 19.68 1.77
N PRO A 141 7.59 19.25 1.39
CA PRO A 141 8.16 19.84 0.19
C PRO A 141 7.33 19.48 -1.04
N VAL A 142 7.14 20.43 -1.96
CA VAL A 142 6.41 20.18 -3.19
C VAL A 142 7.23 20.69 -4.39
N PRO A 143 7.00 20.12 -5.58
CA PRO A 143 7.86 20.44 -6.74
C PRO A 143 7.68 21.86 -7.26
N SER A 144 6.49 22.43 -7.09
CA SER A 144 6.26 23.84 -7.42
C SER A 144 4.99 24.28 -6.70
N VAL A 145 4.68 25.56 -6.79
CA VAL A 145 3.48 26.06 -6.16
C VAL A 145 2.27 25.92 -7.11
N LYS A 146 1.55 24.81 -7.00
CA LYS A 146 0.33 24.55 -7.78
C LYS A 146 -0.83 24.25 -6.84
N PRO A 147 -2.04 24.75 -7.15
CA PRO A 147 -3.15 24.44 -6.26
C PRO A 147 -3.49 22.95 -6.22
N GLU A 148 -3.18 22.21 -7.28
CA GLU A 148 -3.37 20.74 -7.29
C GLU A 148 -2.69 20.05 -6.12
N TYR A 149 -1.49 20.51 -5.75
CA TYR A 149 -0.79 19.90 -4.64
C TYR A 149 -1.46 20.19 -3.29
N LEU A 150 -2.06 21.38 -3.14
CA LEU A 150 -2.81 21.71 -1.94
C LEU A 150 -4.05 20.80 -1.78
N THR A 151 -4.67 20.38 -2.87
CA THR A 151 -5.84 19.49 -2.77
C THR A 151 -5.52 18.22 -1.99
N LEU A 152 -4.25 17.82 -2.00
CA LEU A 152 -3.84 16.59 -1.36
C LEU A 152 -3.75 16.69 0.16
N LEU A 153 -3.50 17.89 0.69
CA LEU A 153 -2.98 18.02 2.06
C LEU A 153 -3.98 17.54 3.11
N VAL A 154 -5.24 17.91 2.89
CA VAL A 154 -6.32 17.56 3.82
C VAL A 154 -7.33 16.64 3.14
N SER A 155 -7.78 17.03 1.95
CA SER A 155 -8.83 16.30 1.23
C SER A 155 -8.33 14.93 0.74
N GLY A 156 -7.16 14.93 0.14
CA GLY A 156 -6.56 13.68 -0.38
C GLY A 156 -6.17 12.73 0.75
N THR A 157 -5.45 13.25 1.76
CA THR A 157 -4.97 12.42 2.85
C THR A 157 -6.12 11.83 3.69
N THR A 158 -7.19 12.60 3.87
CA THR A 158 -8.37 12.10 4.59
C THR A 158 -8.96 10.90 3.88
N ALA A 159 -9.15 11.00 2.58
CA ALA A 159 -9.70 9.88 1.79
C ALA A 159 -8.75 8.69 1.79
N TYR A 160 -7.47 8.96 1.59
CA TYR A 160 -6.46 7.91 1.48
C TYR A 160 -6.37 7.08 2.78
N ILE A 161 -6.16 7.79 3.88
CA ILE A 161 -5.92 7.14 5.14
C ILE A 161 -7.15 6.43 5.70
N SER A 162 -8.30 7.09 5.64
CA SER A 162 -9.55 6.47 6.12
C SER A 162 -9.84 5.19 5.33
N LEU A 163 -9.74 5.24 4.02
CA LEU A 163 -10.08 4.07 3.22
C LEU A 163 -9.04 2.95 3.39
N LYS A 164 -7.76 3.31 3.45
CA LYS A 164 -6.72 2.30 3.64
C LYS A 164 -6.84 1.62 5.01
N GLU A 165 -7.00 2.44 6.04
CA GLU A 165 -6.97 1.94 7.41
C GLU A 165 -8.27 1.28 7.84
N LEU A 166 -9.40 1.78 7.32
CA LEU A 166 -10.73 1.42 7.84
C LEU A 166 -11.67 0.80 6.80
N GLY A 167 -11.36 0.94 5.52
CA GLY A 167 -12.27 0.57 4.45
C GLY A 167 -12.35 -0.90 4.13
N GLY A 168 -11.28 -1.64 4.38
CA GLY A 168 -11.23 -3.06 3.99
C GLY A 168 -11.52 -3.27 2.50
N LEU A 169 -11.01 -2.37 1.67
CA LEU A 169 -11.27 -2.45 0.26
C LEU A 169 -10.55 -3.63 -0.41
N SER A 170 -11.20 -4.19 -1.42
CA SER A 170 -10.67 -5.25 -2.25
C SER A 170 -11.54 -5.33 -3.49
N GLU A 171 -11.12 -6.10 -4.47
CA GLU A 171 -11.75 -6.09 -5.77
C GLU A 171 -13.22 -6.48 -5.66
N GLY A 172 -14.07 -5.68 -6.30
CA GLY A 172 -15.51 -5.96 -6.36
C GLY A 172 -16.34 -5.48 -5.17
N LYS A 173 -15.71 -4.91 -4.16
CA LYS A 173 -16.49 -4.23 -3.11
C LYS A 173 -17.25 -3.06 -3.70
N LYS A 174 -18.42 -2.81 -3.15
CA LYS A 174 -19.25 -1.70 -3.56
C LYS A 174 -19.10 -0.59 -2.55
N VAL A 175 -18.68 0.56 -3.04
CA VAL A 175 -18.41 1.73 -2.22
C VAL A 175 -19.33 2.88 -2.64
N LEU A 176 -20.00 3.45 -1.64
CA LEU A 176 -20.86 4.62 -1.81
C LEU A 176 -20.13 5.83 -1.22
N VAL A 177 -19.93 6.87 -2.04
CA VAL A 177 -19.26 8.11 -1.61
C VAL A 177 -20.29 9.24 -1.70
N THR A 178 -20.52 9.94 -0.60
CA THR A 178 -21.39 11.12 -0.60
C THR A 178 -20.52 12.39 -0.73
N ALA A 179 -21.14 13.50 -1.15
CA ALA A 179 -20.41 14.70 -1.57
C ALA A 179 -19.25 14.26 -2.48
N ALA A 180 -19.58 13.41 -3.46
CA ALA A 180 -18.58 12.68 -4.24
C ALA A 180 -17.84 13.59 -5.23
N ALA A 181 -18.45 14.71 -5.58
CA ALA A 181 -17.83 15.68 -6.49
C ALA A 181 -17.16 16.82 -5.75
N GLY A 182 -16.97 16.67 -4.44
CA GLY A 182 -16.33 17.69 -3.62
C GLY A 182 -14.86 17.42 -3.42
N GLY A 183 -14.28 18.21 -2.52
CA GLY A 183 -12.85 18.24 -2.30
C GLY A 183 -12.25 16.91 -1.94
N THR A 184 -12.79 16.29 -0.87
CA THR A 184 -12.33 14.96 -0.47
C THR A 184 -13.04 13.82 -1.23
N GLY A 185 -14.28 14.03 -1.58
CA GLY A 185 -15.09 13.04 -2.31
C GLY A 185 -14.46 12.57 -3.60
N GLN A 186 -13.89 13.51 -4.36
CA GLN A 186 -13.23 13.15 -5.60
C GLN A 186 -12.11 12.13 -5.40
N PHE A 187 -11.43 12.21 -4.26
CA PHE A 187 -10.34 11.26 -3.97
C PHE A 187 -10.87 9.94 -3.47
N ALA A 188 -11.89 9.98 -2.61
CA ALA A 188 -12.49 8.74 -2.13
C ALA A 188 -12.98 7.93 -3.34
N MET A 189 -13.54 8.61 -4.33
CA MET A 189 -14.02 7.98 -5.57
CA MET A 189 -13.99 7.97 -5.57
C MET A 189 -12.84 7.30 -6.31
N GLN A 190 -11.86 8.12 -6.66
CA GLN A 190 -10.75 7.62 -7.47
C GLN A 190 -9.92 6.54 -6.79
N LEU A 191 -9.62 6.73 -5.51
CA LEU A 191 -8.84 5.74 -4.76
C LEU A 191 -9.59 4.40 -4.65
N SER A 192 -10.90 4.47 -4.44
CA SER A 192 -11.73 3.24 -4.45
C SER A 192 -11.67 2.53 -5.80
N LYS A 193 -11.73 3.28 -6.89
CA LYS A 193 -11.57 2.68 -8.23
C LYS A 193 -10.21 2.03 -8.43
N LYS A 194 -9.15 2.65 -7.90
CA LYS A 194 -7.82 2.08 -7.99
C LYS A 194 -7.69 0.78 -7.18
N ALA A 195 -8.54 0.61 -6.18
CA ALA A 195 -8.69 -0.65 -5.44
C ALA A 195 -9.65 -1.65 -6.09
N LYS A 196 -10.05 -1.39 -7.33
CA LYS A 196 -10.94 -2.24 -8.15
C LYS A 196 -12.34 -2.42 -7.55
N CYS A 197 -12.80 -1.36 -6.88
CA CYS A 197 -14.14 -1.30 -6.32
C CYS A 197 -15.11 -0.77 -7.35
N HIS A 198 -16.37 -1.12 -7.15
CA HIS A 198 -17.50 -0.56 -7.90
C HIS A 198 -17.98 0.61 -7.05
N VAL A 199 -17.99 1.78 -7.65
CA VAL A 199 -18.22 3.01 -6.90
C VAL A 199 -19.47 3.76 -7.34
N ILE A 200 -20.27 4.11 -6.35
CA ILE A 200 -21.49 4.93 -6.48
C ILE A 200 -21.16 6.28 -5.85
N GLY A 201 -21.56 7.39 -6.48
CA GLY A 201 -21.29 8.72 -5.93
C GLY A 201 -22.49 9.62 -5.99
N THR A 202 -22.75 10.34 -4.90
CA THR A 202 -23.85 11.30 -4.89
C THR A 202 -23.38 12.73 -5.08
N CYS A 203 -24.22 13.53 -5.72
CA CYS A 203 -23.93 14.94 -5.99
C CYS A 203 -25.23 15.65 -6.37
N SER A 204 -25.18 16.98 -6.49
CA SER A 204 -26.41 17.79 -6.63
C SER A 204 -26.69 18.40 -8.02
N SER A 205 -25.94 18.02 -9.04
CA SER A 205 -26.17 18.53 -10.40
C SER A 205 -25.73 17.55 -11.48
N ASP A 206 -26.26 17.74 -12.67
CA ASP A 206 -25.88 16.91 -13.82
C ASP A 206 -24.43 17.19 -14.25
N GLU A 207 -23.99 18.43 -14.07
CA GLU A 207 -22.59 18.80 -14.35
C GLU A 207 -21.66 18.05 -13.41
N LYS A 208 -22.02 17.98 -12.13
CA LYS A 208 -21.26 17.18 -11.16
C LYS A 208 -21.30 15.69 -11.48
N SER A 209 -22.45 15.20 -11.98
CA SER A 209 -22.56 13.77 -12.34
C SER A 209 -21.62 13.45 -13.48
N ALA A 210 -21.55 14.34 -14.47
CA ALA A 210 -20.64 14.18 -15.60
C ALA A 210 -19.17 14.16 -15.15
N PHE A 211 -18.83 15.01 -14.19
CA PHE A 211 -17.50 15.01 -13.54
C PHE A 211 -17.24 13.66 -12.90
N LEU A 212 -18.20 13.15 -12.13
CA LEU A 212 -18.04 11.83 -11.50
C LEU A 212 -17.79 10.76 -12.55
N LYS A 213 -18.57 10.77 -13.62
CA LYS A 213 -18.41 9.78 -14.69
C LYS A 213 -16.97 9.86 -15.27
N SER A 214 -16.47 11.08 -15.40
CA SER A 214 -15.13 11.28 -15.97
C SER A 214 -14.02 10.72 -15.07
N LEU A 215 -14.30 10.63 -13.77
CA LEU A 215 -13.41 10.01 -12.77
C LEU A 215 -13.56 8.48 -12.67
N GLY A 216 -14.44 7.90 -13.49
CA GLY A 216 -14.66 6.46 -13.48
C GLY A 216 -15.77 5.99 -12.55
N CYS A 217 -16.55 6.93 -12.01
CA CYS A 217 -17.67 6.56 -11.15
C CYS A 217 -18.63 5.64 -11.89
N ASP A 218 -18.90 4.47 -11.32
CA ASP A 218 -19.77 3.49 -11.96
C ASP A 218 -21.24 3.93 -11.98
N ARG A 219 -21.66 4.63 -10.93
CA ARG A 219 -23.05 5.06 -10.80
C ARG A 219 -23.11 6.41 -10.13
N PRO A 220 -22.93 7.48 -10.92
CA PRO A 220 -23.26 8.80 -10.39
C PRO A 220 -24.75 8.93 -10.15
N ILE A 221 -25.11 9.58 -9.04
CA ILE A 221 -26.50 9.91 -8.73
C ILE A 221 -26.62 11.40 -8.42
N ASN A 222 -27.45 12.10 -9.19
CA ASN A 222 -27.84 13.46 -8.85
C ASN A 222 -29.00 13.33 -7.86
N TYR A 223 -28.73 13.56 -6.57
CA TYR A 223 -29.73 13.29 -5.53
C TYR A 223 -30.90 14.30 -5.54
N LYS A 224 -30.77 15.38 -6.30
CA LYS A 224 -31.86 16.36 -6.50
C LYS A 224 -32.88 15.90 -7.53
N THR A 225 -32.45 15.06 -8.47
CA THR A 225 -33.33 14.61 -9.56
C THR A 225 -33.62 13.11 -9.57
N GLU A 226 -32.91 12.36 -8.73
CA GLU A 226 -33.09 10.92 -8.60
C GLU A 226 -33.11 10.53 -7.11
N PRO A 227 -34.08 9.71 -6.69
CA PRO A 227 -34.19 9.36 -5.26
C PRO A 227 -33.15 8.33 -4.87
N VAL A 228 -32.15 8.75 -4.10
CA VAL A 228 -30.99 7.90 -3.78
C VAL A 228 -31.42 6.57 -3.14
N GLY A 229 -32.35 6.64 -2.19
CA GLY A 229 -32.84 5.42 -1.53
C GLY A 229 -33.41 4.38 -2.47
N THR A 230 -34.15 4.84 -3.47
CA THR A 230 -34.73 3.96 -4.45
C THR A 230 -33.65 3.39 -5.37
N VAL A 231 -32.70 4.22 -5.79
CA VAL A 231 -31.61 3.74 -6.62
C VAL A 231 -30.86 2.63 -5.91
N LEU A 232 -30.52 2.85 -4.64
CA LEU A 232 -29.75 1.84 -3.90
C LEU A 232 -30.57 0.55 -3.72
N LYS A 233 -31.84 0.67 -3.37
CA LYS A 233 -32.72 -0.50 -3.18
C LYS A 233 -32.88 -1.32 -4.46
N GLN A 234 -33.05 -0.61 -5.57
CA GLN A 234 -33.32 -1.28 -6.86
C GLN A 234 -32.05 -1.83 -7.52
N GLU A 235 -30.97 -1.06 -7.46
CA GLU A 235 -29.74 -1.40 -8.18
C GLU A 235 -28.71 -2.16 -7.35
N TYR A 236 -28.84 -2.07 -6.03
CA TYR A 236 -27.92 -2.68 -5.07
C TYR A 236 -28.70 -3.34 -3.94
N PRO A 237 -29.59 -4.30 -4.29
CA PRO A 237 -30.46 -4.93 -3.29
C PRO A 237 -29.73 -5.65 -2.17
N GLU A 238 -28.52 -6.15 -2.44
CA GLU A 238 -27.70 -6.80 -1.41
C GLU A 238 -26.90 -5.79 -0.58
N GLY A 239 -26.98 -4.52 -0.96
CA GLY A 239 -26.39 -3.43 -0.18
C GLY A 239 -25.01 -3.00 -0.69
N VAL A 240 -24.43 -2.02 0.00
CA VAL A 240 -23.10 -1.54 -0.31
C VAL A 240 -22.17 -1.94 0.83
N ASP A 241 -20.91 -2.22 0.48
CA ASP A 241 -19.97 -2.72 1.46
C ASP A 241 -19.31 -1.64 2.30
N VAL A 242 -19.12 -0.46 1.71
CA VAL A 242 -18.43 0.64 2.37
C VAL A 242 -19.13 1.94 1.97
N VAL A 243 -19.35 2.80 2.96
CA VAL A 243 -19.82 4.14 2.72
C VAL A 243 -18.81 5.17 3.25
N TYR A 244 -18.45 6.11 2.38
CA TYR A 244 -17.60 7.24 2.72
C TYR A 244 -18.58 8.39 2.92
N GLU A 245 -19.02 8.59 4.16
CA GLU A 245 -20.18 9.45 4.44
C GLU A 245 -19.75 10.79 5.01
N SER A 246 -19.96 11.86 4.23
CA SER A 246 -19.56 13.22 4.55
C SER A 246 -20.71 14.17 4.85
N VAL A 247 -21.95 13.74 4.62
CA VAL A 247 -23.09 14.68 4.57
C VAL A 247 -23.96 14.70 5.83
N GLY A 248 -24.19 13.53 6.42
CA GLY A 248 -25.02 13.40 7.61
C GLY A 248 -26.50 13.49 7.29
N GLY A 249 -27.31 13.58 8.33
CA GLY A 249 -28.75 13.80 8.18
C GLY A 249 -29.40 12.66 7.45
N ALA A 250 -30.30 13.01 6.53
CA ALA A 250 -31.09 12.02 5.78
C ALA A 250 -30.19 11.16 4.91
N MET A 251 -29.08 11.72 4.43
CA MET A 251 -28.12 10.93 3.64
C MET A 251 -27.46 9.84 4.49
N PHE A 252 -27.08 10.17 5.73
CA PHE A 252 -26.60 9.15 6.68
C PHE A 252 -27.64 8.05 6.91
N ASP A 253 -28.90 8.44 7.12
CA ASP A 253 -29.95 7.46 7.34
C ASP A 253 -30.06 6.47 6.18
N LEU A 254 -30.07 6.99 4.95
CA LEU A 254 -30.18 6.18 3.74
CA LEU A 254 -30.25 6.08 3.82
C LEU A 254 -29.00 5.23 3.60
N ALA A 255 -27.83 5.77 3.93
CA ALA A 255 -26.56 5.00 3.86
C ALA A 255 -26.56 3.81 4.81
N VAL A 256 -27.03 4.01 6.04
CA VAL A 256 -27.14 2.91 7.00
C VAL A 256 -28.07 1.82 6.48
N ASP A 257 -29.22 2.21 5.97
CA ASP A 257 -30.19 1.25 5.45
C ASP A 257 -29.60 0.47 4.26
N ALA A 258 -28.72 1.12 3.50
CA ALA A 258 -28.13 0.51 2.31
C ALA A 258 -26.93 -0.42 2.59
N LEU A 259 -26.48 -0.51 3.84
CA LEU A 259 -25.32 -1.35 4.18
C LEU A 259 -25.60 -2.82 3.94
N ALA A 260 -24.64 -3.47 3.31
CA ALA A 260 -24.63 -4.91 3.14
C ALA A 260 -24.29 -5.59 4.46
N THR A 261 -24.49 -6.89 4.50
CA THR A 261 -23.99 -7.69 5.63
C THR A 261 -22.50 -7.45 5.77
N LYS A 262 -22.07 -7.16 6.99
CA LYS A 262 -20.67 -6.80 7.32
C LYS A 262 -20.20 -5.49 6.71
N GLY A 263 -21.13 -4.68 6.26
CA GLY A 263 -20.78 -3.39 5.66
C GLY A 263 -20.24 -2.41 6.69
N ARG A 264 -19.53 -1.41 6.18
CA ARG A 264 -18.83 -0.42 7.01
C ARG A 264 -19.19 0.98 6.57
N LEU A 265 -19.82 1.76 7.43
CA LEU A 265 -20.08 3.18 7.14
C LEU A 265 -19.03 3.97 7.91
N ILE A 266 -18.28 4.79 7.17
CA ILE A 266 -17.25 5.60 7.77
C ILE A 266 -17.80 7.00 7.89
N VAL A 267 -17.86 7.52 9.12
CA VAL A 267 -18.29 8.89 9.38
C VAL A 267 -17.06 9.78 9.20
N ILE A 268 -16.98 10.37 8.01
CA ILE A 268 -15.99 11.36 7.65
C ILE A 268 -16.42 12.75 8.11
N GLY A 269 -17.72 13.00 8.06
CA GLY A 269 -18.27 14.27 8.54
C GLY A 269 -19.76 14.31 8.38
N PHE A 270 -20.36 15.45 8.67
CA PHE A 270 -21.78 15.62 8.51
C PHE A 270 -22.11 17.10 8.22
N ILE A 271 -21.71 17.54 7.04
CA ILE A 271 -21.76 18.95 6.69
C ILE A 271 -23.16 19.54 6.76
N SER A 272 -24.19 18.72 6.55
CA SER A 272 -25.58 19.20 6.63
C SER A 272 -25.91 19.81 7.99
N GLY A 273 -25.09 19.54 9.00
CA GLY A 273 -25.35 20.04 10.34
C GLY A 273 -24.47 21.19 10.80
N TYR A 274 -23.37 21.48 10.10
CA TYR A 274 -22.36 22.37 10.71
C TYR A 274 -22.84 23.80 10.97
N GLN A 275 -23.78 24.27 10.18
CA GLN A 275 -24.31 25.62 10.33
C GLN A 275 -25.27 25.82 11.52
N THR A 276 -25.74 24.72 12.13
CA THR A 276 -26.65 24.80 13.27
C THR A 276 -25.88 25.22 14.53
N PRO A 277 -26.61 25.63 15.59
CA PRO A 277 -25.90 26.11 16.78
C PRO A 277 -24.95 25.06 17.39
N THR A 278 -25.33 23.78 17.37
CA THR A 278 -24.48 22.70 17.88
C THR A 278 -23.54 22.10 16.84
N GLY A 279 -23.87 22.27 15.56
CA GLY A 279 -23.13 21.65 14.47
C GLY A 279 -23.68 20.27 14.09
N LEU A 280 -24.74 19.84 14.80
CA LEU A 280 -25.33 18.53 14.57
C LEU A 280 -26.41 18.57 13.50
N SER A 281 -26.56 17.45 12.80
CA SER A 281 -27.63 17.24 11.83
C SER A 281 -28.58 16.14 12.35
N PRO A 282 -29.90 16.39 12.33
CA PRO A 282 -30.79 15.31 12.81
C PRO A 282 -30.72 14.05 12.00
N VAL A 283 -30.67 12.93 12.70
CA VAL A 283 -30.68 11.60 12.10
C VAL A 283 -31.73 10.76 12.82
N LYS A 284 -32.17 9.70 12.14
CA LYS A 284 -33.07 8.71 12.71
C LYS A 284 -32.31 7.53 13.16
N ALA A 285 -31.59 7.71 14.26
CA ALA A 285 -30.58 6.78 14.74
C ALA A 285 -31.03 5.95 15.93
N GLY A 286 -32.26 6.09 16.41
CA GLY A 286 -32.77 5.30 17.54
C GLY A 286 -32.74 3.81 17.29
N THR A 287 -32.89 3.43 16.03
CA THR A 287 -32.82 2.03 15.61
C THR A 287 -31.44 1.63 15.10
N LEU A 288 -30.43 2.52 15.23
CA LEU A 288 -29.12 2.26 14.64
C LEU A 288 -28.45 1.02 15.26
N PRO A 289 -28.43 0.90 16.61
CA PRO A 289 -27.78 -0.32 17.12
C PRO A 289 -28.43 -1.60 16.62
N ALA A 290 -29.77 -1.61 16.57
CA ALA A 290 -30.51 -2.76 16.08
C ALA A 290 -30.12 -3.09 14.63
N LYS A 291 -30.05 -2.06 13.79
CA LYS A 291 -29.71 -2.25 12.37
C LYS A 291 -28.31 -2.80 12.18
N LEU A 292 -27.38 -2.29 12.97
CA LEU A 292 -26.00 -2.75 12.89
C LEU A 292 -25.86 -4.20 13.36
N LEU A 293 -26.56 -4.55 14.44
CA LEU A 293 -26.53 -5.92 14.92
C LEU A 293 -27.10 -6.84 13.84
N LYS A 294 -28.26 -6.48 13.30
CA LYS A 294 -28.92 -7.31 12.28
C LYS A 294 -28.07 -7.56 11.03
N LYS A 295 -27.18 -6.62 10.70
CA LYS A 295 -26.35 -6.73 9.50
C LYS A 295 -24.89 -7.07 9.82
N SER A 296 -24.55 -7.30 11.10
CA SER A 296 -23.15 -7.35 11.54
C SER A 296 -22.34 -6.21 10.90
N ALA A 297 -22.91 -5.02 10.91
CA ALA A 297 -22.34 -3.87 10.19
C ALA A 297 -21.79 -2.85 11.19
N SER A 298 -21.02 -1.89 10.68
CA SER A 298 -20.40 -0.91 11.58
C SER A 298 -20.54 0.51 11.13
N VAL A 299 -20.49 1.41 12.13
CA VAL A 299 -20.34 2.84 11.93
C VAL A 299 -19.03 3.23 12.62
N GLN A 300 -18.12 3.80 11.84
CA GLN A 300 -16.75 4.04 12.27
C GLN A 300 -16.42 5.50 12.04
N GLY A 301 -16.13 6.24 13.10
CA GLY A 301 -15.67 7.62 12.90
C GLY A 301 -14.21 7.69 12.46
N PHE A 302 -13.87 8.77 11.77
CA PHE A 302 -12.47 9.02 11.37
C PHE A 302 -12.14 10.48 11.55
N PHE A 303 -11.09 10.77 12.32
CA PHE A 303 -10.58 12.13 12.49
C PHE A 303 -9.13 12.10 12.04
N LEU A 304 -8.81 12.87 11.00
CA LEU A 304 -7.48 12.82 10.39
C LEU A 304 -6.38 12.99 11.42
N ASN A 305 -6.59 13.88 12.38
CA ASN A 305 -5.52 14.17 13.35
C ASN A 305 -5.22 13.05 14.37
N HIS A 306 -6.00 11.96 14.33
CA HIS A 306 -5.71 10.74 15.09
C HIS A 306 -4.85 9.75 14.31
N TYR A 307 -4.56 10.08 13.05
CA TYR A 307 -3.83 9.17 12.18
C TYR A 307 -2.57 9.83 11.57
N LEU A 308 -1.96 10.76 12.29
CA LEU A 308 -0.84 11.53 11.73
C LEU A 308 0.37 10.60 11.48
N SER A 309 0.45 9.47 12.19
CA SER A 309 1.54 8.49 11.91
C SER A 309 1.47 7.92 10.47
N LYS A 310 0.32 8.04 9.80
CA LYS A 310 0.13 7.56 8.42
C LYS A 310 0.22 8.67 7.37
N TYR A 311 0.34 9.91 7.84
CA TYR A 311 0.19 11.09 6.97
C TYR A 311 1.30 11.21 5.94
N GLN A 312 2.54 11.06 6.36
CA GLN A 312 3.67 11.24 5.44
C GLN A 312 3.63 10.28 4.27
N ALA A 313 3.36 9.00 4.57
CA ALA A 313 3.28 7.99 3.52
C ALA A 313 2.10 8.24 2.57
N ALA A 314 0.97 8.69 3.12
CA ALA A 314 -0.21 9.02 2.29
C ALA A 314 0.09 10.18 1.36
N MET A 315 0.68 11.23 1.91
CA MET A 315 1.01 12.41 1.13
C MET A 315 2.01 12.05 0.06
N SER A 316 3.00 11.22 0.37
CA SER A 316 3.99 10.84 -0.62
C SER A 316 3.35 10.13 -1.82
N HIS A 317 2.49 9.16 -1.54
CA HIS A 317 1.84 8.42 -2.62
C HIS A 317 0.88 9.31 -3.40
N LEU A 318 0.14 10.15 -2.70
CA LEU A 318 -0.77 11.07 -3.36
C LEU A 318 -0.01 12.02 -4.29
N LEU A 319 1.11 12.56 -3.82
CA LEU A 319 1.92 13.45 -4.64
C LEU A 319 2.47 12.75 -5.87
N GLU A 320 2.99 11.53 -5.71
CA GLU A 320 3.43 10.72 -6.87
C GLU A 320 2.36 10.58 -7.94
N MET A 321 1.16 10.20 -7.52
CA MET A 321 0.05 10.01 -8.45
C MET A 321 -0.41 11.34 -9.08
N CYS A 322 -0.37 12.42 -8.30
CA CYS A 322 -0.75 13.73 -8.81
C CYS A 322 0.23 14.17 -9.91
N VAL A 323 1.52 14.12 -9.61
CA VAL A 323 2.53 14.58 -10.59
C VAL A 323 2.52 13.74 -11.84
N SER A 324 2.34 12.43 -11.69
CA SER A 324 2.37 11.51 -12.84
C SER A 324 1.09 11.59 -13.69
N GLY A 325 0.06 12.24 -13.18
CA GLY A 325 -1.20 12.38 -13.93
C GLY A 325 -2.08 11.15 -13.77
N ASP A 326 -1.84 10.39 -12.70
CA ASP A 326 -2.63 9.18 -12.41
C ASP A 326 -3.77 9.48 -11.42
N LEU A 327 -3.91 10.73 -11.02
CA LEU A 327 -4.96 11.17 -10.10
C LEU A 327 -5.43 12.54 -10.53
N VAL A 328 -6.74 12.67 -10.76
CA VAL A 328 -7.34 13.97 -11.04
C VAL A 328 -7.46 14.72 -9.73
N CYS A 329 -6.91 15.94 -9.71
CA CYS A 329 -6.95 16.80 -8.53
C CYS A 329 -7.69 18.09 -8.91
N GLU A 330 -9.01 18.00 -8.91
CA GLU A 330 -9.83 19.07 -9.44
C GLU A 330 -9.84 20.23 -8.47
N VAL A 331 -9.60 21.43 -9.00
CA VAL A 331 -9.57 22.66 -8.20
C VAL A 331 -10.67 23.59 -8.66
N ASP A 332 -11.48 24.06 -7.72
CA ASP A 332 -12.46 25.12 -7.95
C ASP A 332 -11.96 26.42 -7.35
N LEU A 333 -11.41 27.27 -8.21
CA LEU A 333 -10.92 28.60 -7.82
C LEU A 333 -12.01 29.65 -7.96
N GLY A 334 -13.23 29.19 -8.18
CA GLY A 334 -14.38 30.09 -8.27
C GLY A 334 -14.54 30.83 -9.58
N ASP A 335 -13.79 30.44 -10.61
CA ASP A 335 -13.81 31.18 -11.90
C ASP A 335 -15.19 31.23 -12.51
N LEU A 336 -16.07 30.30 -12.11
CA LEU A 336 -17.45 30.29 -12.59
C LEU A 336 -18.48 30.61 -11.48
N SER A 337 -18.01 31.24 -10.40
CA SER A 337 -18.88 31.69 -9.29
C SER A 337 -19.50 33.06 -9.67
N PRO A 338 -20.49 33.54 -8.88
CA PRO A 338 -21.13 34.82 -9.22
C PRO A 338 -20.15 35.96 -9.42
N GLU A 339 -19.24 36.14 -8.46
CA GLU A 339 -18.27 37.24 -8.50
C GLU A 339 -16.88 36.80 -9.01
N GLY A 340 -16.80 35.61 -9.59
CA GLY A 340 -15.59 35.16 -10.27
C GLY A 340 -14.49 34.68 -9.34
N ARG A 341 -13.30 34.57 -9.89
CA ARG A 341 -12.18 33.93 -9.20
C ARG A 341 -12.03 34.37 -7.76
N PHE A 342 -11.83 33.38 -6.89
CA PHE A 342 -11.58 33.64 -5.47
C PHE A 342 -10.16 34.16 -5.27
N THR A 343 -10.01 35.49 -5.36
CA THR A 343 -8.72 36.15 -5.19
C THR A 343 -8.73 37.03 -3.95
N GLY A 344 -7.70 36.86 -3.13
CA GLY A 344 -7.51 37.63 -1.91
C GLY A 344 -8.19 37.02 -0.71
N LEU A 345 -7.70 37.37 0.48
CA LEU A 345 -8.30 36.84 1.73
C LEU A 345 -9.77 37.23 1.85
N GLU A 346 -10.14 38.41 1.34
CA GLU A 346 -11.53 38.83 1.36
C GLU A 346 -12.47 37.89 0.61
N SER A 347 -11.96 37.15 -0.38
CA SER A 347 -12.79 36.19 -1.12
C SER A 347 -13.09 34.91 -0.34
N ILE A 348 -12.38 34.68 0.75
CA ILE A 348 -12.64 33.47 1.57
C ILE A 348 -14.10 33.46 2.06
N PHE A 349 -14.63 34.61 2.42
CA PHE A 349 -16.03 34.67 2.86
C PHE A 349 -16.97 34.14 1.77
N ARG A 350 -16.75 34.60 0.53
CA ARG A 350 -17.53 34.16 -0.64
C ARG A 350 -17.35 32.67 -0.91
N ALA A 351 -16.13 32.22 -0.74
CA ALA A 351 -15.78 30.84 -1.04
C ALA A 351 -16.43 29.87 -0.05
N VAL A 352 -16.44 30.24 1.22
CA VAL A 352 -17.16 29.44 2.24
C VAL A 352 -18.66 29.40 1.92
N ASN A 353 -19.22 30.55 1.55
CA ASN A 353 -20.64 30.58 1.16
C ASN A 353 -20.90 29.66 -0.04
N TYR A 354 -19.98 29.68 -1.00
CA TYR A 354 -20.06 28.84 -2.22
C TYR A 354 -20.13 27.35 -1.87
N MET A 355 -19.29 26.92 -0.94
CA MET A 355 -19.30 25.53 -0.47
C MET A 355 -20.67 25.17 0.13
N TYR A 356 -21.18 26.06 0.97
CA TYR A 356 -22.43 25.80 1.71
C TYR A 356 -23.69 26.00 0.88
N MET A 357 -23.54 26.60 -0.31
CA MET A 357 -24.60 26.61 -1.32
CA MET A 357 -24.59 26.62 -1.33
C MET A 357 -24.48 25.40 -2.24
N GLY A 358 -23.48 24.55 -2.02
CA GLY A 358 -23.27 23.31 -2.76
C GLY A 358 -22.83 23.47 -4.20
N LYS A 359 -22.12 24.56 -4.48
CA LYS A 359 -21.87 24.97 -5.86
C LYS A 359 -20.58 24.43 -6.45
N ASN A 360 -19.66 24.00 -5.59
CA ASN A 360 -18.31 23.63 -6.05
C ASN A 360 -18.19 22.23 -6.65
N THR A 361 -17.29 22.12 -7.61
CA THR A 361 -16.82 20.83 -8.15
C THR A 361 -15.33 20.75 -7.89
N GLY A 362 -14.91 19.74 -7.13
CA GLY A 362 -13.55 19.68 -6.57
C GLY A 362 -13.31 20.56 -5.37
N LYS A 363 -12.01 20.74 -5.10
CA LYS A 363 -11.52 21.43 -3.95
C LYS A 363 -11.60 22.93 -4.09
N ILE A 364 -12.26 23.59 -3.15
CA ILE A 364 -12.29 25.04 -3.13
C ILE A 364 -10.97 25.60 -2.64
N VAL A 365 -10.37 26.46 -3.46
CA VAL A 365 -9.06 27.04 -3.19
C VAL A 365 -9.15 28.55 -3.45
N VAL A 366 -8.47 29.31 -2.62
CA VAL A 366 -8.40 30.75 -2.74
C VAL A 366 -6.96 31.12 -3.09
N GLU A 367 -6.81 32.02 -4.04
CA GLU A 367 -5.47 32.51 -4.47
C GLU A 367 -5.17 33.84 -3.81
N LEU A 368 -3.95 33.98 -3.26
CA LEU A 368 -3.40 35.21 -2.78
C LEU A 368 -2.30 35.66 -3.75
N PRO A 369 -2.65 36.40 -4.82
CA PRO A 369 -1.64 36.57 -5.88
C PRO A 369 -0.48 37.48 -5.47
N HIS A 370 0.70 37.20 -6.03
CA HIS A 370 1.88 38.04 -5.81
C HIS A 370 3.00 37.67 -6.77
N ILE B 28 0.02 -44.79 -7.21
CA ILE B 28 -0.81 -45.99 -7.17
C ILE B 28 -2.32 -45.86 -6.96
N PRO B 29 -2.78 -44.97 -6.08
CA PRO B 29 -4.23 -44.90 -5.80
C PRO B 29 -5.06 -44.42 -6.99
N GLN B 30 -6.37 -44.69 -6.92
CA GLN B 30 -7.30 -44.26 -7.96
C GLN B 30 -7.51 -42.75 -7.91
N ALA B 31 -7.69 -42.22 -6.70
CA ALA B 31 -8.00 -40.80 -6.50
C ALA B 31 -6.99 -40.12 -5.57
N MET B 32 -6.96 -38.79 -5.62
CA MET B 32 -6.11 -37.99 -4.76
C MET B 32 -6.71 -36.63 -4.46
N GLN B 33 -6.06 -35.90 -3.56
CA GLN B 33 -6.39 -34.52 -3.26
C GLN B 33 -5.40 -33.57 -3.95
N LYS B 34 -5.88 -32.39 -4.31
CA LYS B 34 -5.03 -31.34 -4.81
C LYS B 34 -5.70 -30.00 -4.61
N LEU B 35 -4.90 -28.94 -4.57
CA LEU B 35 -5.42 -27.59 -4.55
C LEU B 35 -5.66 -27.10 -5.98
N VAL B 36 -6.74 -26.35 -6.17
CA VAL B 36 -7.09 -25.83 -7.47
C VAL B 36 -7.51 -24.36 -7.31
N VAL B 37 -7.00 -23.50 -8.19
CA VAL B 37 -7.50 -22.14 -8.25
C VAL B 37 -8.86 -22.14 -8.93
N THR B 38 -9.90 -21.80 -8.18
CA THR B 38 -11.26 -21.79 -8.71
C THR B 38 -11.81 -20.37 -8.95
N ARG B 39 -11.14 -19.37 -8.36
CA ARG B 39 -11.49 -17.97 -8.54
CA ARG B 39 -11.49 -17.97 -8.52
C ARG B 39 -10.21 -17.13 -8.50
N LEU B 40 -10.10 -16.17 -9.42
CA LEU B 40 -8.91 -15.32 -9.45
C LEU B 40 -8.96 -14.29 -8.31
N SER B 41 -7.98 -14.38 -7.42
CA SER B 41 -7.84 -13.44 -6.29
C SER B 41 -6.47 -13.55 -5.65
N PRO B 42 -5.93 -12.43 -5.14
CA PRO B 42 -4.70 -12.53 -4.35
C PRO B 42 -4.95 -12.96 -2.91
N ASN B 43 -6.21 -13.13 -2.53
CA ASN B 43 -6.56 -13.76 -1.27
C ASN B 43 -6.58 -15.26 -1.51
N PHE B 44 -5.57 -15.94 -1.01
CA PHE B 44 -5.34 -17.34 -1.31
C PHE B 44 -6.54 -18.19 -0.88
N ARG B 45 -7.08 -17.96 0.32
CA ARG B 45 -8.24 -18.70 0.81
CA ARG B 45 -8.25 -18.72 0.78
C ARG B 45 -9.47 -18.50 -0.10
N GLU B 46 -9.67 -17.28 -0.59
CA GLU B 46 -10.78 -17.00 -1.48
CA GLU B 46 -10.75 -16.95 -1.51
C GLU B 46 -10.57 -17.60 -2.88
N ALA B 47 -9.32 -17.73 -3.31
CA ALA B 47 -9.01 -18.18 -4.68
C ALA B 47 -8.97 -19.69 -4.87
N VAL B 48 -8.55 -20.39 -3.82
CA VAL B 48 -8.09 -21.77 -3.94
C VAL B 48 -9.01 -22.73 -3.18
N THR B 49 -9.28 -23.87 -3.80
CA THR B 49 -10.14 -24.89 -3.22
C THR B 49 -9.37 -26.20 -3.12
N LEU B 50 -9.54 -26.87 -2.00
CA LEU B 50 -9.04 -28.24 -1.83
C LEU B 50 -10.03 -29.19 -2.50
N SER B 51 -9.59 -29.79 -3.62
CA SER B 51 -10.38 -30.74 -4.40
CA SER B 51 -10.37 -30.74 -4.39
C SER B 51 -10.05 -32.15 -3.92
N ARG B 52 -11.09 -32.91 -3.57
CA ARG B 52 -10.94 -34.20 -2.87
C ARG B 52 -11.02 -35.50 -3.65
N ASP B 53 -11.58 -35.50 -4.86
CA ASP B 53 -11.79 -36.80 -5.54
C ASP B 53 -11.22 -36.76 -6.95
N CYS B 54 -9.99 -36.29 -7.04
CA CYS B 54 -9.33 -36.06 -8.32
C CYS B 54 -8.65 -37.33 -8.80
N PRO B 55 -8.77 -37.64 -10.09
CA PRO B 55 -8.03 -38.77 -10.58
C PRO B 55 -6.53 -38.51 -10.53
N VAL B 56 -5.75 -39.56 -10.25
CA VAL B 56 -4.30 -39.44 -10.28
C VAL B 56 -3.87 -39.40 -11.73
N PRO B 57 -3.18 -38.31 -12.14
CA PRO B 57 -2.79 -38.20 -13.55
C PRO B 57 -1.70 -39.23 -13.89
N LEU B 58 -1.68 -39.67 -15.13
CA LEU B 58 -0.69 -40.65 -15.57
C LEU B 58 0.42 -39.94 -16.34
N PRO B 59 1.66 -40.45 -16.23
CA PRO B 59 2.76 -39.81 -16.93
C PRO B 59 2.83 -40.21 -18.40
N GLY B 60 3.19 -39.26 -19.26
CA GLY B 60 3.46 -39.53 -20.66
C GLY B 60 4.82 -40.19 -20.82
N ASP B 61 5.22 -40.41 -22.06
CA ASP B 61 6.45 -41.14 -22.38
C ASP B 61 7.68 -40.47 -21.76
N GLY B 62 7.72 -39.14 -21.80
CA GLY B 62 8.84 -38.39 -21.24
C GLY B 62 8.65 -37.86 -19.83
N ASP B 63 7.66 -38.39 -19.12
CA ASP B 63 7.26 -37.84 -17.81
C ASP B 63 7.56 -38.74 -16.63
N LEU B 64 7.71 -38.09 -15.48
CA LEU B 64 7.72 -38.75 -14.19
C LEU B 64 6.39 -38.46 -13.50
N LEU B 65 5.90 -39.41 -12.73
CA LEU B 65 4.82 -39.16 -11.77
C LEU B 65 5.50 -39.14 -10.43
N VAL B 66 5.45 -37.99 -9.77
CA VAL B 66 6.12 -37.81 -8.49
C VAL B 66 5.08 -37.81 -7.39
N ARG B 67 5.25 -38.69 -6.40
CA ARG B 67 4.49 -38.56 -5.16
C ARG B 67 5.18 -37.51 -4.30
N ASN B 68 4.52 -36.38 -4.12
CA ASN B 68 5.08 -35.27 -3.36
C ASN B 68 5.13 -35.58 -1.86
N ARG B 69 6.31 -35.40 -1.28
CA ARG B 69 6.48 -35.52 0.16
C ARG B 69 6.61 -34.16 0.84
N PHE B 70 7.32 -33.22 0.21
CA PHE B 70 7.34 -31.84 0.67
C PHE B 70 7.06 -30.93 -0.52
N VAL B 71 6.33 -29.85 -0.25
CA VAL B 71 6.09 -28.81 -1.24
C VAL B 71 6.46 -27.45 -0.66
N GLY B 72 6.86 -26.54 -1.54
CA GLY B 72 7.30 -25.21 -1.14
C GLY B 72 6.17 -24.20 -1.22
N VAL B 73 6.09 -23.34 -0.22
CA VAL B 73 5.18 -22.21 -0.21
C VAL B 73 6.00 -20.99 -0.59
N ASN B 74 5.50 -20.24 -1.57
CA ASN B 74 6.22 -19.12 -2.14
C ASN B 74 5.38 -17.86 -2.07
N ALA B 75 6.01 -16.71 -1.85
CA ALA B 75 5.26 -15.46 -1.84
C ALA B 75 4.34 -15.32 -3.03
N SER B 76 4.87 -15.62 -4.20
CA SER B 76 4.11 -15.42 -5.44
C SER B 76 3.01 -16.43 -5.69
N ASP B 77 2.85 -17.42 -4.81
CA ASP B 77 1.68 -18.30 -4.88
C ASP B 77 0.40 -17.43 -4.97
N ILE B 78 0.37 -16.27 -4.32
CA ILE B 78 -0.85 -15.43 -4.37
C ILE B 78 -0.92 -14.54 -5.63
N ASN B 79 0.22 -14.27 -6.24
CA ASN B 79 0.25 -13.68 -7.58
C ASN B 79 -0.30 -14.68 -8.60
N TYR B 80 0.03 -15.95 -8.42
CA TYR B 80 -0.43 -17.02 -9.32
C TYR B 80 -1.95 -17.20 -9.18
N SER B 81 -2.43 -17.27 -7.95
CA SER B 81 -3.87 -17.41 -7.69
C SER B 81 -4.66 -16.20 -8.15
N ALA B 82 -4.01 -15.04 -8.19
CA ALA B 82 -4.61 -13.83 -8.72
C ALA B 82 -4.67 -13.79 -10.25
N GLY B 83 -4.01 -14.73 -10.92
CA GLY B 83 -4.00 -14.79 -12.39
C GLY B 83 -2.98 -13.89 -13.07
N ARG B 84 -1.99 -13.41 -12.31
CA ARG B 84 -1.10 -12.36 -12.77
C ARG B 84 0.01 -12.84 -13.72
N TYR B 85 0.24 -14.14 -13.80
CA TYR B 85 1.23 -14.68 -14.75
C TYR B 85 0.67 -14.76 -16.17
N ASP B 86 -0.64 -14.98 -16.29
CA ASP B 86 -1.30 -15.01 -17.59
C ASP B 86 -2.77 -14.65 -17.37
N PRO B 87 -3.08 -13.35 -17.36
CA PRO B 87 -4.45 -12.88 -17.10
C PRO B 87 -5.52 -13.36 -18.09
N SER B 88 -5.12 -13.99 -19.19
CA SER B 88 -6.05 -14.60 -20.14
C SER B 88 -6.53 -16.00 -19.72
N VAL B 89 -5.80 -16.63 -18.80
CA VAL B 89 -6.09 -18.00 -18.39
C VAL B 89 -7.15 -18.00 -17.29
N LYS B 90 -8.26 -18.69 -17.54
CA LYS B 90 -9.38 -18.74 -16.60
C LYS B 90 -9.20 -19.93 -15.65
N PRO B 91 -9.73 -19.83 -14.42
CA PRO B 91 -9.83 -21.01 -13.57
C PRO B 91 -10.74 -22.05 -14.21
N PRO B 92 -10.60 -23.33 -13.84
CA PRO B 92 -9.68 -23.86 -12.84
C PRO B 92 -8.27 -24.12 -13.37
N PHE B 93 -7.28 -23.97 -12.51
CA PHE B 93 -5.94 -24.43 -12.81
C PHE B 93 -5.19 -24.84 -11.55
N ASP B 94 -4.17 -25.68 -11.73
CA ASP B 94 -3.36 -26.20 -10.62
C ASP B 94 -2.41 -25.12 -10.11
N ILE B 95 -1.81 -25.36 -8.96
CA ILE B 95 -1.02 -24.36 -8.27
C ILE B 95 0.07 -25.03 -7.44
N GLY B 96 1.08 -24.25 -7.09
CA GLY B 96 2.26 -24.77 -6.38
C GLY B 96 3.41 -24.90 -7.36
N PHE B 97 4.56 -24.31 -7.02
CA PHE B 97 5.67 -24.14 -7.96
C PHE B 97 6.79 -25.19 -7.84
N GLU B 98 6.80 -25.96 -6.75
CA GLU B 98 7.94 -26.84 -6.46
C GLU B 98 7.56 -27.96 -5.51
N GLY B 99 8.27 -29.07 -5.66
CA GLY B 99 8.03 -30.27 -4.86
C GLY B 99 9.27 -31.14 -4.83
N ILE B 100 9.28 -32.05 -3.87
CA ILE B 100 10.30 -33.12 -3.77
C ILE B 100 9.59 -34.38 -3.30
N GLY B 101 9.98 -35.53 -3.86
CA GLY B 101 9.38 -36.78 -3.46
C GLY B 101 9.94 -37.93 -4.25
N GLU B 102 9.15 -38.98 -4.36
CA GLU B 102 9.58 -40.20 -5.00
C GLU B 102 8.92 -40.39 -6.37
N VAL B 103 9.68 -40.89 -7.33
CA VAL B 103 9.09 -41.34 -8.60
C VAL B 103 8.28 -42.63 -8.35
N VAL B 104 6.97 -42.58 -8.61
CA VAL B 104 6.10 -43.77 -8.40
C VAL B 104 5.69 -44.40 -9.73
N ALA B 105 5.78 -43.65 -10.80
CA ALA B 105 5.55 -44.17 -12.14
C ALA B 105 6.29 -43.28 -13.11
N LEU B 106 6.58 -43.78 -14.30
CA LEU B 106 7.24 -42.98 -15.33
C LEU B 106 7.09 -43.60 -16.71
N GLY B 107 7.23 -42.76 -17.74
CA GLY B 107 7.13 -43.23 -19.12
C GLY B 107 8.39 -43.96 -19.54
N LEU B 108 8.29 -44.70 -20.64
CA LEU B 108 9.40 -45.54 -21.09
C LEU B 108 10.67 -44.74 -21.39
N SER B 109 10.54 -43.62 -22.09
CA SER B 109 11.70 -42.78 -22.39
C SER B 109 12.33 -42.14 -21.16
N ALA B 110 11.48 -41.73 -20.21
CA ALA B 110 11.94 -41.17 -18.95
C ALA B 110 12.76 -42.20 -18.15
N SER B 111 12.38 -43.48 -18.28
CA SER B 111 13.02 -44.60 -17.56
C SER B 111 14.47 -44.88 -17.99
N ALA B 112 14.93 -44.21 -19.05
CA ALA B 112 16.35 -44.31 -19.44
C ALA B 112 17.25 -43.60 -18.43
N ARG B 113 16.73 -42.55 -17.80
CA ARG B 113 17.50 -41.75 -16.81
C ARG B 113 16.99 -41.86 -15.37
N TYR B 114 15.71 -42.17 -15.20
CA TYR B 114 15.11 -42.25 -13.85
C TYR B 114 14.58 -43.65 -13.59
N THR B 115 14.29 -43.95 -12.32
CA THR B 115 13.68 -45.23 -11.96
C THR B 115 12.68 -45.03 -10.84
N VAL B 116 11.71 -45.93 -10.79
CA VAL B 116 10.69 -45.94 -9.76
C VAL B 116 11.38 -46.05 -8.41
N GLY B 117 10.96 -45.18 -7.48
CA GLY B 117 11.52 -45.14 -6.13
C GLY B 117 12.60 -44.09 -5.92
N GLN B 118 13.03 -43.48 -7.02
CA GLN B 118 14.12 -42.50 -6.98
C GLN B 118 13.67 -41.17 -6.40
N ALA B 119 14.55 -40.52 -5.63
CA ALA B 119 14.27 -39.20 -5.07
C ALA B 119 14.50 -38.14 -6.12
N VAL B 120 13.50 -37.29 -6.34
CA VAL B 120 13.60 -36.22 -7.31
C VAL B 120 12.94 -34.97 -6.77
N ALA B 121 13.43 -33.82 -7.23
CA ALA B 121 12.87 -32.53 -6.90
C ALA B 121 12.62 -31.79 -8.20
N TYR B 122 11.75 -30.80 -8.16
CA TYR B 122 11.37 -30.10 -9.40
C TYR B 122 10.79 -28.73 -9.12
N MET B 123 10.95 -27.85 -10.11
CA MET B 123 10.25 -26.58 -10.15
C MET B 123 9.37 -26.63 -11.37
N ALA B 124 8.08 -26.82 -11.13
CA ALA B 124 7.09 -26.93 -12.19
C ALA B 124 5.72 -26.68 -11.59
N PRO B 125 4.76 -26.22 -12.41
CA PRO B 125 3.46 -25.89 -11.85
C PRO B 125 2.66 -27.11 -11.43
N GLY B 126 1.83 -26.94 -10.40
CA GLY B 126 0.95 -28.01 -9.94
C GLY B 126 1.51 -28.91 -8.85
N SER B 127 2.47 -28.40 -8.08
CA SER B 127 3.03 -29.19 -6.98
C SER B 127 2.08 -29.37 -5.81
N PHE B 128 1.06 -28.52 -5.69
CA PHE B 128 0.15 -28.63 -4.55
C PHE B 128 -0.88 -29.72 -4.85
N ALA B 129 -0.41 -30.96 -4.77
CA ALA B 129 -1.16 -32.15 -5.14
C ALA B 129 -0.46 -33.34 -4.51
N GLU B 130 -1.19 -34.42 -4.25
CA GLU B 130 -0.53 -35.60 -3.71
C GLU B 130 0.45 -36.19 -4.76
N TYR B 131 0.09 -36.07 -6.02
CA TYR B 131 0.89 -36.58 -7.15
C TYR B 131 0.89 -35.55 -8.25
N THR B 132 2.06 -35.37 -8.87
CA THR B 132 2.26 -34.35 -9.90
C THR B 132 3.03 -34.95 -11.06
N VAL B 133 2.57 -34.70 -12.29
CA VAL B 133 3.31 -35.11 -13.48
C VAL B 133 4.37 -34.05 -13.84
N VAL B 134 5.62 -34.49 -13.96
CA VAL B 134 6.77 -33.62 -14.18
C VAL B 134 7.63 -34.17 -15.35
N PRO B 135 7.85 -33.36 -16.39
CA PRO B 135 8.72 -33.87 -17.45
C PRO B 135 10.11 -34.22 -16.90
N ALA B 136 10.61 -35.42 -17.23
CA ALA B 136 11.91 -35.88 -16.74
C ALA B 136 13.04 -34.89 -17.04
N SER B 137 12.91 -34.18 -18.17
CA SER B 137 13.94 -33.23 -18.62
C SER B 137 14.17 -32.05 -17.67
N ILE B 138 13.18 -31.72 -16.85
CA ILE B 138 13.32 -30.61 -15.90
C ILE B 138 13.46 -31.05 -14.45
N ALA B 139 13.30 -32.34 -14.16
CA ALA B 139 13.50 -32.86 -12.81
C ALA B 139 14.97 -32.74 -12.41
N THR B 140 15.21 -32.58 -11.10
CA THR B 140 16.56 -32.59 -10.54
C THR B 140 16.69 -33.82 -9.65
N PRO B 141 17.58 -34.77 -10.00
CA PRO B 141 17.83 -35.85 -9.05
C PRO B 141 18.39 -35.29 -7.74
N VAL B 142 17.95 -35.84 -6.62
CA VAL B 142 18.48 -35.46 -5.32
C VAL B 142 18.88 -36.73 -4.57
N PRO B 143 19.79 -36.62 -3.58
CA PRO B 143 20.30 -37.82 -2.91
C PRO B 143 19.27 -38.55 -2.06
N SER B 144 18.32 -37.81 -1.48
CA SER B 144 17.23 -38.40 -0.70
C SER B 144 16.13 -37.35 -0.60
N VAL B 145 15.00 -37.74 -0.04
CA VAL B 145 13.88 -36.80 0.11
C VAL B 145 14.04 -36.09 1.44
N LYS B 146 14.70 -34.92 1.39
CA LYS B 146 14.83 -34.03 2.55
C LYS B 146 14.31 -32.65 2.17
N PRO B 147 13.64 -31.98 3.12
CA PRO B 147 13.14 -30.63 2.78
C PRO B 147 14.26 -29.62 2.51
N GLU B 148 15.45 -29.83 3.09
CA GLU B 148 16.59 -28.95 2.80
C GLU B 148 16.87 -28.84 1.30
N TYR B 149 16.74 -29.95 0.57
CA TYR B 149 16.99 -29.91 -0.88
C TYR B 149 15.93 -29.08 -1.62
N LEU B 150 14.69 -29.14 -1.16
CA LEU B 150 13.62 -28.31 -1.73
C LEU B 150 13.91 -26.81 -1.57
N THR B 151 14.55 -26.41 -0.47
CA THR B 151 14.85 -24.99 -0.27
C THR B 151 15.69 -24.41 -1.43
N LEU B 152 16.46 -25.27 -2.07
CA LEU B 152 17.35 -24.83 -3.16
C LEU B 152 16.62 -24.52 -4.47
N LEU B 153 15.48 -25.17 -4.73
CA LEU B 153 14.91 -25.24 -6.08
C LEU B 153 14.53 -23.88 -6.65
N VAL B 154 13.89 -23.08 -5.81
CA VAL B 154 13.44 -21.72 -6.17
C VAL B 154 14.21 -20.67 -5.36
N SER B 155 14.22 -20.83 -4.04
CA SER B 155 14.80 -19.84 -3.16
C SER B 155 16.33 -19.75 -3.32
N GLY B 156 16.99 -20.89 -3.33
CA GLY B 156 18.45 -20.93 -3.50
C GLY B 156 18.90 -20.46 -4.87
N THR B 157 18.28 -21.01 -5.90
CA THR B 157 18.64 -20.67 -7.29
C THR B 157 18.38 -19.20 -7.64
N THR B 158 17.28 -18.65 -7.13
CA THR B 158 17.00 -17.21 -7.33
C THR B 158 18.12 -16.33 -6.76
N ALA B 159 18.54 -16.61 -5.54
CA ALA B 159 19.62 -15.87 -4.92
C ALA B 159 20.95 -16.08 -5.65
N TYR B 160 21.26 -17.34 -5.97
CA TYR B 160 22.52 -17.70 -6.61
C TYR B 160 22.66 -17.05 -7.97
N ILE B 161 21.66 -17.24 -8.82
CA ILE B 161 21.74 -16.77 -10.21
C ILE B 161 21.69 -15.23 -10.27
N SER B 162 20.75 -14.62 -9.55
CA SER B 162 20.67 -13.16 -9.58
C SER B 162 21.97 -12.51 -9.14
N LEU B 163 22.54 -12.99 -8.04
CA LEU B 163 23.76 -12.37 -7.51
C LEU B 163 24.96 -12.66 -8.41
N LYS B 164 25.06 -13.88 -8.95
CA LYS B 164 26.16 -14.22 -9.84
C LYS B 164 26.08 -13.44 -11.16
N GLU B 165 24.89 -13.36 -11.74
CA GLU B 165 24.74 -12.74 -13.06
C GLU B 165 24.66 -11.23 -13.00
N LEU B 166 24.09 -10.68 -11.93
CA LEU B 166 23.75 -9.25 -11.87
C LEU B 166 24.44 -8.47 -10.76
N GLY B 167 25.00 -9.19 -9.78
CA GLY B 167 25.46 -8.56 -8.55
C GLY B 167 26.80 -7.88 -8.61
N GLY B 168 27.68 -8.35 -9.50
CA GLY B 168 29.04 -7.81 -9.57
C GLY B 168 29.74 -7.89 -8.23
N LEU B 169 29.50 -8.99 -7.50
CA LEU B 169 30.10 -9.14 -6.19
C LEU B 169 31.62 -9.36 -6.27
N SER B 170 32.29 -8.86 -5.23
CA SER B 170 33.72 -9.02 -5.06
C SER B 170 34.05 -8.64 -3.61
N GLU B 171 35.27 -8.92 -3.18
CA GLU B 171 35.62 -8.77 -1.77
C GLU B 171 35.45 -7.32 -1.30
N GLY B 172 34.75 -7.16 -0.19
CA GLY B 172 34.52 -5.86 0.41
C GLY B 172 33.32 -5.07 -0.08
N LYS B 173 32.62 -5.56 -1.10
CA LYS B 173 31.37 -4.92 -1.48
C LYS B 173 30.38 -5.01 -0.33
N LYS B 174 29.53 -4.00 -0.23
CA LYS B 174 28.52 -3.95 0.82
C LYS B 174 27.18 -4.31 0.20
N VAL B 175 26.54 -5.33 0.76
CA VAL B 175 25.30 -5.88 0.23
C VAL B 175 24.20 -5.76 1.30
N LEU B 176 23.06 -5.19 0.90
CA LEU B 176 21.87 -5.09 1.77
C LEU B 176 20.86 -6.11 1.30
N VAL B 177 20.42 -7.00 2.19
CA VAL B 177 19.43 -8.01 1.82
C VAL B 177 18.18 -7.75 2.65
N THR B 178 17.04 -7.62 1.98
CA THR B 178 15.78 -7.44 2.71
C THR B 178 15.06 -8.80 2.77
N ALA B 179 14.09 -8.91 3.68
CA ALA B 179 13.51 -10.21 4.05
C ALA B 179 14.65 -11.23 4.22
N ALA B 180 15.70 -10.83 4.95
CA ALA B 180 16.96 -11.58 4.97
C ALA B 180 16.87 -12.92 5.71
N ALA B 181 15.90 -13.03 6.61
CA ALA B 181 15.71 -14.28 7.34
C ALA B 181 14.67 -15.18 6.72
N GLY B 182 14.27 -14.89 5.48
CA GLY B 182 13.25 -15.65 4.76
C GLY B 182 13.87 -16.72 3.86
N GLY B 183 13.01 -17.31 3.02
CA GLY B 183 13.35 -18.45 2.20
C GLY B 183 14.49 -18.19 1.26
N THR B 184 14.37 -17.14 0.45
CA THR B 184 15.46 -16.78 -0.48
C THR B 184 16.53 -15.89 0.20
N GLY B 185 16.09 -15.02 1.11
CA GLY B 185 16.98 -14.09 1.82
C GLY B 185 18.14 -14.78 2.52
N GLN B 186 17.87 -15.94 3.15
CA GLN B 186 18.93 -16.66 3.82
C GLN B 186 20.09 -17.04 2.89
N PHE B 187 19.77 -17.31 1.63
CA PHE B 187 20.77 -17.67 0.62
C PHE B 187 21.47 -16.46 0.04
N ALA B 188 20.73 -15.37 -0.18
CA ALA B 188 21.37 -14.13 -0.63
C ALA B 188 22.42 -13.71 0.40
N MET B 189 22.07 -13.83 1.67
CA MET B 189 22.98 -13.53 2.77
CA MET B 189 22.99 -13.54 2.75
C MET B 189 24.24 -14.40 2.70
N GLN B 190 24.05 -15.70 2.78
CA GLN B 190 25.18 -16.61 2.84
C GLN B 190 26.07 -16.59 1.59
N LEU B 191 25.46 -16.54 0.42
CA LEU B 191 26.22 -16.51 -0.82
C LEU B 191 27.03 -15.21 -0.90
N SER B 192 26.45 -14.10 -0.48
CA SER B 192 27.20 -12.83 -0.45
C SER B 192 28.40 -12.91 0.50
N LYS B 193 28.24 -13.57 1.65
CA LYS B 193 29.37 -13.78 2.58
C LYS B 193 30.45 -14.66 1.97
N LYS B 194 30.06 -15.69 1.22
CA LYS B 194 31.02 -16.55 0.53
C LYS B 194 31.83 -15.78 -0.52
N ALA B 195 31.23 -14.74 -1.09
CA ALA B 195 31.90 -13.82 -2.00
C ALA B 195 32.70 -12.73 -1.29
N LYS B 196 32.84 -12.85 0.05
CA LYS B 196 33.63 -11.93 0.89
C LYS B 196 33.07 -10.49 0.95
N CYS B 197 31.75 -10.40 0.84
CA CYS B 197 31.03 -9.15 1.00
C CYS B 197 30.71 -8.90 2.45
N HIS B 198 30.50 -7.62 2.76
CA HIS B 198 30.00 -7.18 4.07
C HIS B 198 28.49 -7.10 3.90
N VAL B 199 27.76 -7.82 4.73
CA VAL B 199 26.34 -7.99 4.49
C VAL B 199 25.50 -7.44 5.61
N ILE B 200 24.49 -6.67 5.21
CA ILE B 200 23.49 -6.09 6.09
C ILE B 200 22.18 -6.80 5.79
N GLY B 201 21.44 -7.22 6.82
CA GLY B 201 20.15 -7.90 6.59
C GLY B 201 19.00 -7.37 7.43
N THR B 202 17.85 -7.17 6.81
CA THR B 202 16.68 -6.67 7.55
C THR B 202 15.73 -7.83 7.88
N CYS B 203 15.08 -7.72 9.04
CA CYS B 203 14.10 -8.70 9.49
C CYS B 203 13.22 -8.07 10.57
N SER B 204 12.16 -8.78 10.99
CA SER B 204 11.16 -8.20 11.90
C SER B 204 11.18 -8.67 13.38
N SER B 205 12.21 -9.40 13.80
CA SER B 205 12.31 -9.85 15.20
C SER B 205 13.75 -10.07 15.65
N ASP B 206 13.94 -10.07 16.97
CA ASP B 206 15.27 -10.31 17.53
C ASP B 206 15.69 -11.76 17.34
N GLU B 207 14.73 -12.68 17.33
CA GLU B 207 14.99 -14.08 17.03
C GLU B 207 15.52 -14.22 15.60
N LYS B 208 14.87 -13.54 14.65
CA LYS B 208 15.36 -13.50 13.29
C LYS B 208 16.73 -12.85 13.17
N SER B 209 16.98 -11.81 13.96
CA SER B 209 18.29 -11.15 13.95
C SER B 209 19.38 -12.11 14.42
N ALA B 210 19.11 -12.87 15.48
CA ALA B 210 20.05 -13.89 15.95
C ALA B 210 20.33 -14.94 14.88
N PHE B 211 19.30 -15.36 14.14
CA PHE B 211 19.47 -16.28 13.01
C PHE B 211 20.41 -15.68 11.98
N LEU B 212 20.19 -14.41 11.63
CA LEU B 212 21.05 -13.71 10.67
C LEU B 212 22.49 -13.67 11.16
N LYS B 213 22.68 -13.36 12.43
CA LYS B 213 24.03 -13.35 13.00
C LYS B 213 24.68 -14.73 12.82
N SER B 214 23.89 -15.79 13.03
CA SER B 214 24.42 -17.15 12.98
C SER B 214 24.84 -17.56 11.56
N LEU B 215 24.27 -16.89 10.56
CA LEU B 215 24.65 -17.04 9.14
C LEU B 215 25.84 -16.16 8.73
N GLY B 216 26.38 -15.40 9.67
CA GLY B 216 27.53 -14.54 9.37
C GLY B 216 27.16 -13.12 8.98
N CYS B 217 25.88 -12.76 9.09
CA CYS B 217 25.45 -11.39 8.82
C CYS B 217 26.23 -10.38 9.64
N ASP B 218 26.86 -9.43 8.96
CA ASP B 218 27.67 -8.42 9.63
C ASP B 218 26.82 -7.43 10.40
N ARG B 219 25.64 -7.11 9.88
CA ARG B 219 24.76 -6.12 10.52
C ARG B 219 23.31 -6.51 10.34
N PRO B 220 22.81 -7.40 11.21
CA PRO B 220 21.38 -7.60 11.26
C PRO B 220 20.67 -6.35 11.79
N ILE B 221 19.52 -6.06 11.23
CA ILE B 221 18.66 -4.98 11.67
C ILE B 221 17.23 -5.52 11.84
N ASN B 222 16.70 -5.39 13.05
CA ASN B 222 15.28 -5.60 13.31
C ASN B 222 14.56 -4.29 12.99
N TYR B 223 13.93 -4.23 11.80
CA TYR B 223 13.36 -2.96 11.31
C TYR B 223 12.15 -2.48 12.14
N LYS B 224 11.61 -3.36 12.98
CA LYS B 224 10.51 -2.98 13.90
C LYS B 224 11.01 -2.18 15.09
N THR B 225 12.27 -2.39 15.48
CA THR B 225 12.82 -1.76 16.68
C THR B 225 13.97 -0.79 16.39
N GLU B 226 14.48 -0.83 15.17
CA GLU B 226 15.58 0.02 14.75
C GLU B 226 15.27 0.61 13.36
N PRO B 227 15.33 1.95 13.24
CA PRO B 227 15.02 2.60 11.96
C PRO B 227 16.08 2.30 10.91
N VAL B 228 15.71 1.53 9.87
CA VAL B 228 16.67 1.08 8.86
C VAL B 228 17.36 2.26 8.14
N GLY B 229 16.59 3.29 7.81
CA GLY B 229 17.14 4.47 7.12
C GLY B 229 18.23 5.18 7.90
N THR B 230 18.04 5.29 9.21
CA THR B 230 19.02 5.91 10.09
C THR B 230 20.26 5.02 10.24
N VAL B 231 20.07 3.72 10.38
CA VAL B 231 21.21 2.79 10.45
C VAL B 231 22.08 2.93 9.19
N LEU B 232 21.46 2.95 8.01
CA LEU B 232 22.23 3.01 6.77
C LEU B 232 22.95 4.36 6.65
N LYS B 233 22.25 5.45 6.94
CA LYS B 233 22.84 6.79 6.88
C LYS B 233 24.03 6.97 7.83
N GLN B 234 23.90 6.44 9.05
CA GLN B 234 24.94 6.59 10.06
C GLN B 234 26.11 5.62 9.90
N GLU B 235 25.79 4.36 9.60
CA GLU B 235 26.81 3.30 9.57
C GLU B 235 27.40 3.07 8.18
N TYR B 236 26.68 3.51 7.16
CA TYR B 236 27.08 3.29 5.75
C TYR B 236 26.87 4.60 4.97
N PRO B 237 27.54 5.68 5.39
CA PRO B 237 27.35 6.99 4.78
C PRO B 237 27.73 7.05 3.29
N GLU B 238 28.67 6.22 2.86
CA GLU B 238 29.06 6.14 1.45
C GLU B 238 28.13 5.20 0.66
N GLY B 239 27.19 4.56 1.36
CA GLY B 239 26.16 3.78 0.70
C GLY B 239 26.47 2.29 0.61
N VAL B 240 25.55 1.54 0.04
CA VAL B 240 25.72 0.12 -0.19
C VAL B 240 25.88 -0.13 -1.68
N ASP B 241 26.62 -1.17 -2.03
CA ASP B 241 26.93 -1.44 -3.43
C ASP B 241 25.85 -2.26 -4.15
N VAL B 242 25.21 -3.15 -3.40
CA VAL B 242 24.23 -4.03 -3.97
C VAL B 242 23.07 -4.17 -2.99
N VAL B 243 21.84 -4.13 -3.50
CA VAL B 243 20.66 -4.43 -2.70
C VAL B 243 19.91 -5.62 -3.31
N TYR B 244 19.63 -6.62 -2.48
CA TYR B 244 18.82 -7.76 -2.86
C TYR B 244 17.44 -7.43 -2.27
N GLU B 245 16.58 -6.82 -3.07
CA GLU B 245 15.37 -6.18 -2.57
C GLU B 245 14.13 -7.01 -2.88
N SER B 246 13.52 -7.57 -1.82
CA SER B 246 12.36 -8.44 -1.92
C SER B 246 11.03 -7.84 -1.41
N VAL B 247 11.08 -6.64 -0.82
CA VAL B 247 9.96 -6.14 0.02
C VAL B 247 9.10 -5.07 -0.66
N GLY B 248 9.76 -4.17 -1.38
CA GLY B 248 9.10 -3.06 -2.04
C GLY B 248 8.73 -1.94 -1.08
N GLY B 249 7.90 -1.03 -1.57
CA GLY B 249 7.32 0.01 -0.74
C GLY B 249 8.40 0.90 -0.11
N ALA B 250 8.22 1.20 1.17
CA ALA B 250 9.12 2.10 1.90
C ALA B 250 10.53 1.51 2.01
N MET B 251 10.63 0.18 2.08
CA MET B 251 11.95 -0.47 2.10
C MET B 251 12.68 -0.24 0.78
N PHE B 252 11.99 -0.38 -0.35
CA PHE B 252 12.59 -0.06 -1.64
C PHE B 252 13.08 1.39 -1.64
N ASP B 253 12.25 2.31 -1.16
CA ASP B 253 12.64 3.73 -1.19
C ASP B 253 13.92 3.99 -0.42
N LEU B 254 14.03 3.38 0.77
CA LEU B 254 15.19 3.51 1.64
CA LEU B 254 15.20 3.63 1.58
C LEU B 254 16.43 2.94 0.98
N ALA B 255 16.23 1.82 0.28
CA ALA B 255 17.30 1.12 -0.40
C ALA B 255 17.86 1.97 -1.54
N VAL B 256 16.97 2.59 -2.32
CA VAL B 256 17.41 3.53 -3.38
C VAL B 256 18.27 4.67 -2.82
N ASP B 257 17.79 5.28 -1.74
CA ASP B 257 18.52 6.38 -1.10
C ASP B 257 19.88 5.94 -0.57
N ALA B 258 19.98 4.68 -0.16
CA ALA B 258 21.23 4.14 0.44
C ALA B 258 22.25 3.66 -0.59
N LEU B 259 21.91 3.68 -1.88
CA LEU B 259 22.84 3.22 -2.93
C LEU B 259 24.09 4.08 -3.00
N ALA B 260 25.23 3.40 -3.04
CA ALA B 260 26.50 4.03 -3.30
C ALA B 260 26.57 4.44 -4.76
N THR B 261 27.57 5.25 -5.08
CA THR B 261 27.89 5.54 -6.48
C THR B 261 28.11 4.20 -7.19
N LYS B 262 27.49 4.05 -8.35
CA LYS B 262 27.53 2.83 -9.17
C LYS B 262 26.85 1.63 -8.51
N GLY B 263 26.06 1.89 -7.47
CA GLY B 263 25.35 0.81 -6.78
C GLY B 263 24.28 0.17 -7.66
N ARG B 264 23.91 -1.03 -7.29
CA ARG B 264 22.94 -1.84 -8.03
C ARG B 264 21.84 -2.31 -7.09
N LEU B 265 20.59 -1.91 -7.33
CA LEU B 265 19.45 -2.44 -6.59
C LEU B 265 18.78 -3.48 -7.46
N ILE B 266 18.75 -4.72 -6.98
CA ILE B 266 18.14 -5.81 -7.72
C ILE B 266 16.72 -6.00 -7.21
N VAL B 267 15.74 -5.82 -8.08
CA VAL B 267 14.34 -6.04 -7.73
C VAL B 267 14.06 -7.55 -7.91
N ILE B 268 14.09 -8.25 -6.77
CA ILE B 268 13.75 -9.66 -6.65
C ILE B 268 12.23 -9.83 -6.47
N GLY B 269 11.62 -8.90 -5.73
CA GLY B 269 10.19 -8.92 -5.56
C GLY B 269 9.75 -7.71 -4.76
N PHE B 270 8.47 -7.65 -4.45
CA PHE B 270 7.90 -6.56 -3.66
C PHE B 270 6.70 -7.07 -2.87
N ILE B 271 7.00 -7.96 -1.93
CA ILE B 271 5.98 -8.69 -1.21
C ILE B 271 4.98 -7.81 -0.47
N SER B 272 5.40 -6.60 -0.07
CA SER B 272 4.49 -5.67 0.60
C SER B 272 3.28 -5.26 -0.24
N GLY B 273 3.34 -5.49 -1.55
CA GLY B 273 2.23 -5.13 -2.44
C GLY B 273 1.34 -6.28 -2.90
N TYR B 274 1.80 -7.52 -2.80
CA TYR B 274 1.11 -8.61 -3.51
C TYR B 274 -0.34 -8.85 -3.09
N GLN B 275 -0.66 -8.59 -1.83
CA GLN B 275 -2.01 -8.80 -1.33
C GLN B 275 -3.01 -7.76 -1.81
N THR B 276 -2.52 -6.62 -2.32
CA THR B 276 -3.41 -5.54 -2.76
C THR B 276 -4.12 -5.93 -4.06
N PRO B 277 -5.14 -5.16 -4.48
CA PRO B 277 -5.86 -5.58 -5.69
C PRO B 277 -5.05 -5.55 -6.99
N THR B 278 -4.11 -4.63 -7.08
CA THR B 278 -3.21 -4.60 -8.23
C THR B 278 -1.95 -5.42 -8.00
N GLY B 279 -1.60 -5.69 -6.73
CA GLY B 279 -0.38 -6.45 -6.43
C GLY B 279 0.84 -5.55 -6.34
N LEU B 280 0.62 -4.26 -6.56
CA LEU B 280 1.67 -3.25 -6.47
C LEU B 280 1.84 -2.64 -5.07
N SER B 281 3.07 -2.18 -4.80
CA SER B 281 3.36 -1.45 -3.57
C SER B 281 3.79 -0.04 -3.97
N PRO B 282 3.30 0.98 -3.25
CA PRO B 282 3.63 2.37 -3.57
C PRO B 282 5.13 2.67 -3.34
N VAL B 283 5.76 3.25 -4.34
CA VAL B 283 7.15 3.67 -4.20
C VAL B 283 7.33 5.11 -4.72
N LYS B 284 8.36 5.76 -4.20
CA LYS B 284 8.66 7.12 -4.58
C LYS B 284 9.50 7.03 -5.88
N ALA B 285 8.79 6.94 -6.99
CA ALA B 285 9.46 6.68 -8.26
C ALA B 285 9.59 7.88 -9.19
N GLY B 286 8.91 8.98 -8.87
CA GLY B 286 8.97 10.17 -9.69
C GLY B 286 10.37 10.77 -9.81
N THR B 287 11.10 10.68 -8.71
CA THR B 287 12.46 11.17 -8.62
C THR B 287 13.48 10.05 -8.85
N LEU B 288 13.04 8.84 -9.17
CA LEU B 288 13.97 7.68 -9.23
C LEU B 288 14.98 7.86 -10.38
N PRO B 289 14.51 8.19 -11.59
CA PRO B 289 15.51 8.42 -12.64
C PRO B 289 16.57 9.45 -12.27
N ALA B 290 16.14 10.56 -11.67
CA ALA B 290 17.09 11.59 -11.22
C ALA B 290 18.11 11.02 -10.23
N LYS B 291 17.65 10.25 -9.25
CA LYS B 291 18.56 9.68 -8.25
C LYS B 291 19.53 8.72 -8.89
N LEU B 292 19.06 7.91 -9.84
CA LEU B 292 19.95 6.94 -10.47
C LEU B 292 20.98 7.63 -11.36
N LEU B 293 20.56 8.70 -12.04
CA LEU B 293 21.54 9.47 -12.83
C LEU B 293 22.60 10.07 -11.91
N LYS B 294 22.16 10.70 -10.82
CA LYS B 294 23.07 11.36 -9.88
C LYS B 294 24.12 10.43 -9.28
N LYS B 295 23.79 9.14 -9.14
CA LYS B 295 24.68 8.17 -8.52
C LYS B 295 25.26 7.19 -9.55
N SER B 296 24.99 7.40 -10.85
CA SER B 296 25.32 6.35 -11.85
C SER B 296 24.90 4.93 -11.36
N ALA B 297 23.72 4.87 -10.77
CA ALA B 297 23.27 3.65 -10.10
C ALA B 297 22.17 2.99 -10.93
N SER B 298 21.85 1.75 -10.62
CA SER B 298 20.84 1.04 -11.38
C SER B 298 19.80 0.34 -10.53
N VAL B 299 18.63 0.15 -11.16
CA VAL B 299 17.56 -0.72 -10.66
C VAL B 299 17.38 -1.80 -11.72
N GLN B 300 17.57 -3.06 -11.29
CA GLN B 300 17.65 -4.19 -12.21
C GLN B 300 16.62 -5.24 -11.79
N GLY B 301 15.64 -5.55 -12.62
CA GLY B 301 14.72 -6.64 -12.33
C GLY B 301 15.35 -8.02 -12.56
N PHE B 302 14.84 -9.01 -11.83
CA PHE B 302 15.29 -10.38 -12.05
C PHE B 302 14.10 -11.30 -11.96
N PHE B 303 13.87 -12.08 -13.01
CA PHE B 303 12.82 -13.13 -13.02
C PHE B 303 13.52 -14.46 -13.27
N LEU B 304 13.46 -15.37 -12.31
CA LEU B 304 14.20 -16.65 -12.44
C LEU B 304 13.97 -17.37 -13.76
N ASN B 305 12.73 -17.33 -14.27
CA ASN B 305 12.41 -18.09 -15.48
C ASN B 305 12.99 -17.51 -16.76
N HIS B 306 13.65 -16.35 -16.68
CA HIS B 306 14.43 -15.81 -17.81
C HIS B 306 15.89 -16.30 -17.81
N TYR B 307 16.27 -17.00 -16.74
CA TYR B 307 17.65 -17.45 -16.58
C TYR B 307 17.78 -18.97 -16.42
N LEU B 308 16.89 -19.72 -17.08
CA LEU B 308 16.89 -21.17 -16.95
C LEU B 308 18.18 -21.79 -17.52
N SER B 309 18.83 -21.11 -18.47
CA SER B 309 20.12 -21.60 -18.99
C SER B 309 21.20 -21.73 -17.87
N LYS B 310 21.01 -21.01 -16.76
CA LYS B 310 21.96 -21.02 -15.62
C LYS B 310 21.53 -21.96 -14.48
N TYR B 311 20.33 -22.51 -14.60
CA TYR B 311 19.66 -23.18 -13.48
C TYR B 311 20.36 -24.49 -13.07
N GLN B 312 20.74 -25.30 -14.05
CA GLN B 312 21.34 -26.60 -13.75
C GLN B 312 22.66 -26.46 -13.00
N ALA B 313 23.50 -25.54 -13.46
CA ALA B 313 24.78 -25.29 -12.80
C ALA B 313 24.57 -24.75 -11.39
N ALA B 314 23.63 -23.83 -11.21
CA ALA B 314 23.33 -23.26 -9.90
C ALA B 314 22.89 -24.35 -8.93
N MET B 315 21.96 -25.17 -9.36
CA MET B 315 21.39 -26.22 -8.52
C MET B 315 22.47 -27.24 -8.15
N SER B 316 23.35 -27.57 -9.10
CA SER B 316 24.43 -28.47 -8.82
C SER B 316 25.36 -27.96 -7.72
N HIS B 317 25.75 -26.70 -7.81
CA HIS B 317 26.63 -26.08 -6.82
C HIS B 317 25.93 -25.95 -5.47
N LEU B 318 24.68 -25.51 -5.50
CA LEU B 318 23.89 -25.38 -4.27
C LEU B 318 23.79 -26.74 -3.56
N LEU B 319 23.51 -27.78 -4.32
CA LEU B 319 23.32 -29.11 -3.74
C LEU B 319 24.64 -29.60 -3.13
N GLU B 320 25.74 -29.36 -3.82
CA GLU B 320 27.09 -29.62 -3.24
C GLU B 320 27.32 -29.00 -1.89
N MET B 321 27.04 -27.71 -1.81
CA MET B 321 27.22 -26.97 -0.58
C MET B 321 26.27 -27.43 0.51
N CYS B 322 25.02 -27.72 0.13
CA CYS B 322 24.04 -28.24 1.07
C CYS B 322 24.51 -29.56 1.71
N VAL B 323 24.86 -30.52 0.87
CA VAL B 323 25.19 -31.84 1.37
C VAL B 323 26.46 -31.83 2.21
N SER B 324 27.43 -31.00 1.82
CA SER B 324 28.72 -30.93 2.51
C SER B 324 28.62 -30.16 3.82
N GLY B 325 27.52 -29.45 4.02
CA GLY B 325 27.27 -28.66 5.23
C GLY B 325 27.91 -27.29 5.18
N ASP B 326 28.14 -26.80 3.97
CA ASP B 326 28.73 -25.47 3.75
C ASP B 326 27.65 -24.41 3.52
N LEU B 327 26.40 -24.82 3.58
CA LEU B 327 25.28 -23.90 3.40
C LEU B 327 24.16 -24.28 4.33
N VAL B 328 23.71 -23.32 5.15
CA VAL B 328 22.56 -23.52 6.01
C VAL B 328 21.31 -23.39 5.15
N CYS B 329 20.47 -24.42 5.20
CA CYS B 329 19.22 -24.49 4.43
C CYS B 329 18.07 -24.57 5.43
N GLU B 330 17.70 -23.43 5.97
CA GLU B 330 16.77 -23.43 7.10
C GLU B 330 15.37 -23.67 6.56
N VAL B 331 14.68 -24.62 7.21
CA VAL B 331 13.32 -25.00 6.86
C VAL B 331 12.39 -24.66 8.01
N ASP B 332 11.31 -23.94 7.71
CA ASP B 332 10.23 -23.68 8.62
C ASP B 332 9.04 -24.55 8.23
N LEU B 333 8.88 -25.67 8.93
CA LEU B 333 7.77 -26.59 8.72
C LEU B 333 6.59 -26.23 9.64
N GLY B 334 6.66 -25.07 10.28
CA GLY B 334 5.57 -24.55 11.10
C GLY B 334 5.45 -25.18 12.47
N ASP B 335 6.47 -25.92 12.91
CA ASP B 335 6.41 -26.62 14.21
C ASP B 335 6.16 -25.65 15.36
N LEU B 336 6.48 -24.37 15.16
CA LEU B 336 6.25 -23.35 16.19
C LEU B 336 5.16 -22.34 15.79
N SER B 337 4.30 -22.71 14.83
CA SER B 337 3.17 -21.88 14.40
C SER B 337 1.98 -22.13 15.35
N PRO B 338 0.91 -21.29 15.27
CA PRO B 338 -0.22 -21.46 16.20
C PRO B 338 -0.77 -22.90 16.23
N GLU B 339 -1.04 -23.45 15.05
CA GLU B 339 -1.61 -24.79 14.94
C GLU B 339 -0.57 -25.88 14.62
N GLY B 340 0.70 -25.54 14.77
CA GLY B 340 1.78 -26.54 14.68
C GLY B 340 2.17 -26.93 13.25
N ARG B 341 2.89 -28.04 13.15
CA ARG B 341 3.50 -28.47 11.90
C ARG B 341 2.56 -28.39 10.70
N PHE B 342 3.08 -27.84 9.61
CA PHE B 342 2.32 -27.76 8.36
C PHE B 342 2.24 -29.14 7.68
N THR B 343 1.23 -29.92 8.04
CA THR B 343 1.03 -31.24 7.49
C THR B 343 -0.26 -31.29 6.69
N GLY B 344 -0.15 -31.78 5.45
CA GLY B 344 -1.29 -31.98 4.56
C GLY B 344 -1.55 -30.77 3.67
N LEU B 345 -2.19 -31.00 2.53
CA LEU B 345 -2.47 -29.89 1.61
C LEU B 345 -3.31 -28.82 2.29
N GLU B 346 -4.19 -29.21 3.20
CA GLU B 346 -5.02 -28.24 3.91
C GLU B 346 -4.19 -27.21 4.70
N SER B 347 -3.00 -27.60 5.15
CA SER B 347 -2.14 -26.69 5.90
C SER B 347 -1.50 -25.61 5.04
N ILE B 348 -1.55 -25.76 3.71
CA ILE B 348 -0.99 -24.74 2.81
C ILE B 348 -1.67 -23.37 3.04
N PHE B 349 -2.97 -23.39 3.28
CA PHE B 349 -3.67 -22.13 3.58
C PHE B 349 -3.07 -21.39 4.79
N ARG B 350 -2.83 -22.15 5.87
CA ARG B 350 -2.21 -21.64 7.10
C ARG B 350 -0.80 -21.17 6.86
N ALA B 351 -0.06 -21.94 6.06
CA ALA B 351 1.34 -21.64 5.78
C ALA B 351 1.51 -20.36 4.97
N VAL B 352 0.64 -20.14 3.99
CA VAL B 352 0.62 -18.86 3.24
C VAL B 352 0.32 -17.70 4.21
N ASN B 353 -0.68 -17.87 5.08
CA ASN B 353 -1.01 -16.84 6.07
CA ASN B 353 -1.00 -16.82 6.04
C ASN B 353 0.19 -16.53 6.95
N TYR B 354 0.91 -17.59 7.34
CA TYR B 354 2.10 -17.48 8.20
C TYR B 354 3.16 -16.60 7.55
N MET B 355 3.38 -16.81 6.25
CA MET B 355 4.34 -16.00 5.50
C MET B 355 3.95 -14.52 5.55
N TYR B 356 2.67 -14.27 5.28
CA TYR B 356 2.17 -12.89 5.14
C TYR B 356 1.96 -12.17 6.49
N MET B 357 2.02 -12.94 7.57
CA MET B 357 2.09 -12.37 8.90
CA MET B 357 2.09 -12.38 8.91
C MET B 357 3.54 -12.15 9.33
N GLY B 358 4.47 -12.51 8.44
CA GLY B 358 5.91 -12.30 8.66
C GLY B 358 6.53 -13.16 9.74
N LYS B 359 5.99 -14.37 9.94
CA LYS B 359 6.35 -15.18 11.10
C LYS B 359 7.49 -16.18 10.86
N ASN B 360 7.78 -16.47 9.60
CA ASN B 360 8.72 -17.55 9.29
C ASN B 360 10.19 -17.17 9.37
N THR B 361 11.00 -18.15 9.73
CA THR B 361 12.46 -18.08 9.65
C THR B 361 12.90 -19.19 8.72
N GLY B 362 13.55 -18.83 7.61
CA GLY B 362 13.85 -19.74 6.53
C GLY B 362 12.67 -20.05 5.63
N LYS B 363 12.82 -21.15 4.90
CA LYS B 363 11.90 -21.58 3.83
C LYS B 363 10.67 -22.27 4.39
N ILE B 364 9.49 -21.73 4.09
CA ILE B 364 8.22 -22.39 4.43
C ILE B 364 7.99 -23.60 3.55
N VAL B 365 7.84 -24.74 4.21
CA VAL B 365 7.68 -26.04 3.58
C VAL B 365 6.49 -26.77 4.22
N VAL B 366 5.71 -27.43 3.39
CA VAL B 366 4.57 -28.24 3.85
C VAL B 366 4.91 -29.72 3.58
N GLU B 367 4.58 -30.58 4.53
CA GLU B 367 4.82 -32.01 4.45
C GLU B 367 3.52 -32.74 4.10
N LEU B 368 3.58 -33.62 3.12
CA LEU B 368 2.47 -34.53 2.77
C LEU B 368 2.87 -35.94 3.23
N PRO B 369 2.60 -36.30 4.51
CA PRO B 369 3.28 -37.51 5.02
C PRO B 369 2.74 -38.78 4.40
N HIS B 370 3.59 -39.82 4.33
CA HIS B 370 3.20 -41.12 3.79
C HIS B 370 4.30 -42.18 4.00
#